data_3W37
#
_entry.id   3W37
#
_cell.length_a   86.360
_cell.length_b   98.200
_cell.length_c   108.750
_cell.angle_alpha   90.00
_cell.angle_beta   90.00
_cell.angle_gamma   90.00
#
_symmetry.space_group_name_H-M   'P 21 21 21'
#
loop_
_entity.id
_entity.type
_entity.pdbx_description
1 polymer Alpha-glucosidase
2 branched 2-acetamido-2-deoxy-beta-D-glucopyranose-(1-4)-2-acetamido-2-deoxy-beta-D-glucopyranose
3 branched alpha-L-fucopyranose-(1-3)-[2-acetamido-2-deoxy-beta-D-glucopyranose-(1-4)]2-acetamido-2-deoxy-beta-D-glucopyranose
4 branched 4,6-dideoxy-4-{[(1S,4R,5S,6S)-4,5,6-trihydroxy-3-(hydroxymethyl)cyclohex-2-en-1-yl]amino}-alpha-D-glucopyranose-(1-4)-alpha-D-glucopyranose-(1-4)-alpha-D-glucopyranose
5 non-polymer 'ACETIC ACID'
6 non-polymer GLYCEROL
7 non-polymer 'SULFATE ION'
8 non-polymer 2-acetamido-2-deoxy-beta-D-glucopyranose
9 water water
#
_entity_poly.entity_id   1
_entity_poly.type   'polypeptide(L)'
_entity_poly.pdbx_seq_one_letter_code
;MERSKLPRYICATLAVVLPLVLCMVVEGATTSKNDNQGEAIGYGYQVKNAKVDNSTGKSLTALLQLIRNSPVYGPDIQFL
SFTASFEEDDTLRIRITDANNRRWEIPNEVLPRPPPPPSPPPLSSLQHLPKPIPQNQPTTTVLSHPHSDLVFTLFHTTPF
GFTIYRKSTHDVLFDATPIPSNPTTFLIYKDQYLQLSSSLPAQQAHLYGLGEHTKPTFQLAHNQILTLWNADIASFNRDL
NLYGSHPFYMDVRSSPMVGSTHGVFLLNSNGMDVEYTGDRITYKVIGGIIDLYIFAGRTPEMVLDQYTKLIGRPAPMPYW
AFGFHQCRWGYRDVNEIETVVDKYAEARIPLEVMWTDIDYMDAFKDFTLDPVHFPLDKMQQFVTKLHRNGQRYVPILDPG
INTNKSYGTFIRGMQSNVFIKRDGNPYLGSVWPGPVYYPDFLDPAARSFWVDEIKRFRDILPIDGIWIDMNEASNFITSA
PTPGSTLDNPPYKINNSGGRVPINSKTIPATAMHYGNVTEYNAHNLYGFLESQATREALVRTSNERPFLLSRSTFAGSGK
YTAHWTGDNAARWDDLQYSIPTMLNFGLFGMPMIGADICGFAESTTEELCRRWIQLGAFYPFSRDHSARDTTHQELYLWE
SVAASARTVLGLRYQLLPYYYTLMYDANLRGIPIARPLFFTFPDDVATYGISSQFLIGRGIMVSPVLQPGAVSVNAYFPR
GNWFSLFNYTSSVSVSAGTYVSLSAPPDHINVHIHEGNIVAMQGEAMTTQAARSTPFHLLVVMSDHVASTGELFLDNGIE
MDIGGPGGKWTLVRFFAESGINNLTISSEVVNRGYAMSQRWVMDKITILGLKRRVRIKEYTVQKDAGAIKIKGLGLRTSS
HNQGGFVVSVISDLRQLVGQAFKLELEFEGATR
;
_entity_poly.pdbx_strand_id   A
#
# COMPACT_ATOMS: atom_id res chain seq x y z
N GLU A 39 31.31 22.94 -18.57
CA GLU A 39 31.18 23.28 -17.16
C GLU A 39 30.81 22.11 -16.26
N ALA A 40 31.30 22.13 -15.01
CA ALA A 40 30.87 21.15 -13.99
C ALA A 40 29.39 21.33 -13.67
N ILE A 41 28.75 20.25 -13.22
CA ILE A 41 27.35 20.30 -12.88
C ILE A 41 27.04 21.32 -11.78
N GLY A 42 27.93 21.44 -10.82
CA GLY A 42 27.72 22.41 -9.76
C GLY A 42 28.90 22.43 -8.82
N TYR A 43 28.94 23.45 -7.97
CA TYR A 43 30.07 23.63 -7.07
C TYR A 43 29.73 23.49 -5.59
N GLY A 44 28.44 23.42 -5.28
CA GLY A 44 28.08 23.17 -3.90
C GLY A 44 28.05 24.41 -3.01
N TYR A 45 27.91 24.18 -1.71
CA TYR A 45 27.63 25.27 -0.77
C TYR A 45 28.60 25.25 0.40
N GLN A 46 28.80 26.41 1.03
CA GLN A 46 29.57 26.54 2.27
C GLN A 46 28.65 26.97 3.40
N VAL A 47 28.99 26.60 4.62
CA VAL A 47 28.20 27.06 5.76
C VAL A 47 28.58 28.50 6.08
N LYS A 48 27.62 29.42 6.08
CA LYS A 48 27.96 30.79 6.43
C LYS A 48 27.80 31.02 7.93
N ASN A 49 26.76 30.44 8.51
CA ASN A 49 26.62 30.40 9.96
C ASN A 49 25.79 29.20 10.35
N ALA A 50 25.92 28.78 11.59
CA ALA A 50 25.09 27.66 12.08
C ALA A 50 24.98 27.74 13.59
N LYS A 51 23.80 27.41 14.11
CA LYS A 51 23.57 27.52 15.54
C LYS A 51 22.55 26.48 15.98
N VAL A 52 22.82 25.84 17.11
CA VAL A 52 21.81 25.01 17.73
C VAL A 52 21.06 25.91 18.69
N ASP A 53 19.74 25.95 18.54
CA ASP A 53 18.91 26.80 19.37
C ASP A 53 18.96 26.32 20.83
N ASN A 54 19.54 27.15 21.69
CA ASN A 54 19.48 26.88 23.13
C ASN A 54 18.06 27.18 23.56
N SER A 55 17.76 27.01 24.84
CA SER A 55 16.46 27.40 25.38
C SER A 55 15.29 26.82 24.58
N THR A 56 15.35 25.50 24.34
CA THR A 56 14.31 24.73 23.63
C THR A 56 14.84 23.31 23.45
N GLY A 57 13.92 22.35 23.31
CA GLY A 57 14.24 21.11 22.64
C GLY A 57 14.91 21.53 21.35
N LYS A 58 16.23 21.40 21.35
CA LYS A 58 17.09 21.94 20.30
C LYS A 58 16.58 21.68 18.87
N SER A 59 16.73 22.69 18.02
CA SER A 59 16.79 22.48 16.56
C SER A 59 18.06 23.20 16.11
N LEU A 60 18.52 22.88 14.91
CA LEU A 60 19.73 23.50 14.36
C LEU A 60 19.32 24.35 13.16
N THR A 61 19.82 25.58 13.09
CA THR A 61 19.58 26.43 11.93
C THR A 61 20.87 26.94 11.32
N ALA A 62 21.00 26.80 10.00
CA ALA A 62 22.20 27.28 9.29
C ALA A 62 21.85 28.03 8.03
N LEU A 63 22.75 28.91 7.62
CA LEU A 63 22.61 29.60 6.36
C LEU A 63 23.73 29.12 5.47
N LEU A 64 23.39 28.64 4.28
CA LEU A 64 24.40 28.18 3.33
C LEU A 64 24.52 29.16 2.17
N GLN A 65 25.73 29.33 1.66
CA GLN A 65 25.94 30.18 0.51
C GLN A 65 26.59 29.41 -0.61
N LEU A 66 26.11 29.65 -1.82
CA LEU A 66 26.63 29.01 -3.05
C LEU A 66 28.10 29.33 -3.27
N ILE A 67 28.90 28.30 -3.57
CA ILE A 67 30.33 28.53 -3.78
C ILE A 67 30.58 29.22 -5.13
N ARG A 68 29.89 28.76 -6.16
CA ARG A 68 30.11 29.27 -7.51
C ARG A 68 28.95 28.85 -8.43
N ASN A 69 28.52 29.71 -9.33
CA ASN A 69 27.40 29.33 -10.20
C ASN A 69 27.84 28.41 -11.33
N SER A 70 26.90 27.62 -11.83
CA SER A 70 27.14 26.83 -13.03
C SER A 70 25.94 26.93 -13.97
N PRO A 71 26.19 27.03 -15.27
CA PRO A 71 25.01 27.14 -16.14
C PRO A 71 24.29 25.82 -16.37
N VAL A 72 24.93 24.71 -16.07
N VAL A 72 24.91 24.72 -15.94
CA VAL A 72 24.28 23.44 -16.35
CA VAL A 72 24.36 23.42 -16.24
C VAL A 72 23.07 23.24 -15.46
C VAL A 72 23.08 23.22 -15.43
N TYR A 73 21.97 22.81 -16.08
CA TYR A 73 20.68 22.59 -15.40
C TYR A 73 19.98 23.82 -14.77
N GLY A 74 20.41 25.02 -15.14
CA GLY A 74 19.62 26.21 -14.85
C GLY A 74 20.13 26.95 -13.63
N PRO A 75 19.41 28.01 -13.19
CA PRO A 75 19.86 28.91 -12.12
C PRO A 75 20.06 28.25 -10.74
N ASP A 76 21.28 28.34 -10.18
CA ASP A 76 21.54 27.92 -8.80
C ASP A 76 20.85 28.87 -7.82
N ILE A 77 20.35 28.34 -6.72
CA ILE A 77 19.85 29.16 -5.63
C ILE A 77 21.03 29.66 -4.78
N GLN A 78 21.16 30.98 -4.61
CA GLN A 78 22.40 31.53 -4.02
C GLN A 78 22.52 31.28 -2.51
N PHE A 79 21.42 31.42 -1.78
CA PHE A 79 21.41 31.24 -0.32
C PHE A 79 20.34 30.27 0.11
N LEU A 80 20.75 29.28 0.92
CA LEU A 80 19.83 28.28 1.41
C LEU A 80 19.67 28.38 2.93
N SER A 81 18.43 28.24 3.39
CA SER A 81 18.21 28.05 4.80
C SER A 81 18.20 26.53 5.02
N PHE A 82 18.93 26.09 6.04
CA PHE A 82 19.08 24.66 6.33
C PHE A 82 18.69 24.47 7.78
N THR A 83 17.66 23.67 8.04
CA THR A 83 17.34 23.32 9.44
C THR A 83 17.31 21.83 9.68
N ALA A 84 17.76 21.42 10.87
CA ALA A 84 17.54 20.03 11.29
C ALA A 84 16.78 20.13 12.59
N SER A 85 15.75 19.30 12.77
CA SER A 85 14.95 19.40 13.98
C SER A 85 14.31 18.06 14.26
N PHE A 86 14.03 17.79 15.53
CA PHE A 86 13.35 16.55 15.86
C PHE A 86 11.86 16.78 15.91
N GLU A 87 11.11 15.95 15.22
CA GLU A 87 9.67 16.10 15.24
C GLU A 87 9.13 15.31 16.40
N GLU A 88 9.57 14.06 16.49
CA GLU A 88 9.37 13.31 17.71
C GLU A 88 10.75 12.89 18.09
N ASP A 89 10.91 12.18 19.20
CA ASP A 89 12.22 11.61 19.51
C ASP A 89 12.73 10.69 18.39
N ASP A 90 11.82 10.14 17.58
CA ASP A 90 12.26 9.10 16.65
C ASP A 90 12.27 9.56 15.20
N THR A 91 12.05 10.86 14.97
CA THR A 91 11.99 11.35 13.61
C THR A 91 12.80 12.61 13.52
N LEU A 92 13.76 12.63 12.61
CA LEU A 92 14.56 13.83 12.38
C LEU A 92 14.13 14.44 11.03
N ARG A 93 13.99 15.75 10.99
CA ARG A 93 13.55 16.43 9.77
C ARG A 93 14.66 17.38 9.30
N ILE A 94 15.08 17.23 8.05
CA ILE A 94 16.09 18.14 7.50
C ILE A 94 15.44 18.89 6.35
N ARG A 95 15.38 20.22 6.48
CA ARG A 95 14.63 21.01 5.52
C ARG A 95 15.54 22.07 4.93
N ILE A 96 15.62 22.08 3.59
CA ILE A 96 16.52 23.00 2.88
C ILE A 96 15.72 23.77 1.88
N THR A 97 15.66 25.09 2.10
CA THR A 97 14.83 25.97 1.29
C THR A 97 15.68 27.13 0.80
N ASP A 98 15.13 27.88 -0.14
CA ASP A 98 15.77 29.14 -0.57
C ASP A 98 15.60 30.14 0.57
N ALA A 99 16.71 30.70 1.06
CA ALA A 99 16.67 31.58 2.23
C ALA A 99 15.82 32.82 1.95
N ASN A 100 15.69 33.15 0.66
CA ASN A 100 15.13 34.45 0.25
C ASN A 100 13.78 34.39 -0.42
N ASN A 101 13.33 33.18 -0.75
CA ASN A 101 12.04 33.03 -1.42
C ASN A 101 11.34 31.74 -1.03
N ARG A 102 10.02 31.80 -0.88
CA ARG A 102 9.23 30.58 -0.75
C ARG A 102 9.33 29.75 -2.03
N ARG A 103 9.39 28.43 -1.90
CA ARG A 103 9.36 27.51 -3.06
C ARG A 103 8.19 26.59 -2.90
N TRP A 104 7.85 25.82 -3.94
CA TRP A 104 6.73 24.88 -3.85
C TRP A 104 6.95 23.83 -2.79
N GLU A 105 5.92 23.61 -1.98
CA GLU A 105 5.89 22.48 -1.06
C GLU A 105 4.50 21.87 -1.12
N ILE A 106 4.42 20.58 -0.83
CA ILE A 106 3.13 19.93 -0.81
C ILE A 106 2.28 20.66 0.23
N PRO A 107 1.09 21.14 -0.15
CA PRO A 107 0.31 21.96 0.77
C PRO A 107 -0.02 21.24 2.07
N ASN A 108 -0.06 21.98 3.18
CA ASN A 108 -0.42 21.35 4.45
C ASN A 108 -1.82 20.78 4.39
N GLU A 109 -2.68 21.43 3.63
CA GLU A 109 -4.03 20.92 3.55
C GLU A 109 -4.11 19.56 2.88
N VAL A 110 -3.13 19.26 2.03
CA VAL A 110 -3.13 17.99 1.31
C VAL A 110 -2.53 16.92 2.18
N LEU A 111 -1.47 17.30 2.91
CA LEU A 111 -0.71 16.34 3.70
C LEU A 111 -0.32 17.03 5.02
N PRO A 112 -1.22 17.01 6.01
CA PRO A 112 -1.03 17.82 7.21
C PRO A 112 0.14 17.28 8.06
N ARG A 113 0.97 18.17 8.57
CA ARG A 113 2.18 17.77 9.29
C ARG A 113 2.74 18.94 10.05
N PRO A 114 3.59 18.68 11.06
CA PRO A 114 4.09 19.79 11.87
C PRO A 114 4.82 20.82 11.03
N PRO A 115 4.66 22.10 11.37
CA PRO A 115 5.33 23.20 10.67
C PRO A 115 6.85 23.17 10.88
N PRO A 116 7.61 23.84 10.00
CA PRO A 116 9.06 23.92 10.14
C PRO A 116 9.47 24.61 11.46
N PRO A 117 10.72 24.36 11.92
CA PRO A 117 11.09 25.00 13.18
C PRO A 117 11.12 26.51 13.04
N PRO A 118 10.91 27.24 14.15
CA PRO A 118 11.02 28.71 14.18
C PRO A 118 12.46 29.17 14.06
N PRO A 138 37.13 20.06 9.87
CA PRO A 138 37.26 21.35 10.53
C PRO A 138 36.15 21.52 11.58
N THR A 139 35.39 22.61 11.48
CA THR A 139 34.33 22.84 12.45
C THR A 139 33.14 21.94 12.15
N THR A 140 32.48 21.49 13.21
CA THR A 140 31.19 20.82 13.07
C THR A 140 30.17 21.42 14.01
N THR A 141 28.90 21.28 13.66
CA THR A 141 27.82 21.68 14.57
C THR A 141 26.96 20.45 14.79
N VAL A 142 26.87 20.01 16.04
CA VAL A 142 26.14 18.78 16.38
C VAL A 142 24.76 19.05 17.01
N LEU A 143 23.75 18.31 16.56
CA LEU A 143 22.44 18.34 17.17
C LEU A 143 22.05 16.97 17.72
N SER A 144 21.83 16.88 19.03
CA SER A 144 21.31 15.64 19.64
C SER A 144 20.28 15.93 20.73
N HIS A 145 19.41 14.95 20.98
CA HIS A 145 18.45 15.00 22.09
C HIS A 145 18.71 13.81 22.97
N PRO A 146 18.58 13.97 24.30
CA PRO A 146 18.94 12.83 25.16
C PRO A 146 18.00 11.63 24.98
N HIS A 147 16.77 11.87 24.50
CA HIS A 147 15.83 10.79 24.27
C HIS A 147 15.70 10.41 22.81
N SER A 148 16.68 10.79 22.00
N SER A 148 16.70 10.76 22.01
CA SER A 148 16.68 10.35 20.60
CA SER A 148 16.72 10.41 20.59
C SER A 148 17.95 9.58 20.24
C SER A 148 17.95 9.58 20.24
N ASP A 149 17.78 8.54 19.43
CA ASP A 149 18.92 7.72 19.00
C ASP A 149 19.67 8.42 17.85
N LEU A 150 18.98 9.30 17.14
CA LEU A 150 19.58 9.92 15.95
C LEU A 150 20.45 11.14 16.34
N VAL A 151 21.69 11.20 15.84
CA VAL A 151 22.58 12.34 16.07
C VAL A 151 22.86 13.00 14.72
N PHE A 152 22.63 14.32 14.62
CA PHE A 152 22.84 15.04 13.36
C PHE A 152 24.14 15.85 13.44
N THR A 153 24.94 15.83 12.37
CA THR A 153 26.16 16.64 12.39
C THR A 153 26.25 17.45 11.12
N LEU A 154 26.57 18.74 11.25
CA LEU A 154 26.81 19.59 10.09
C LEU A 154 28.32 19.82 9.98
N PHE A 155 28.90 19.53 8.81
CA PHE A 155 30.34 19.65 8.61
C PHE A 155 30.67 20.88 7.79
N HIS A 156 31.42 21.79 8.37
CA HIS A 156 31.73 23.06 7.72
C HIS A 156 32.92 22.89 6.76
N THR A 157 32.83 21.89 5.88
CA THR A 157 33.84 21.71 4.84
C THR A 157 33.46 22.59 3.64
N THR A 158 34.30 22.59 2.61
CA THR A 158 33.99 23.29 1.37
C THR A 158 34.12 22.29 0.22
N PRO A 159 32.98 21.86 -0.38
CA PRO A 159 31.59 22.12 -0.02
C PRO A 159 31.20 21.42 1.28
N PHE A 160 30.09 21.82 1.86
CA PHE A 160 29.71 21.36 3.19
C PHE A 160 29.12 19.94 3.14
N GLY A 161 28.94 19.33 4.31
CA GLY A 161 28.31 18.03 4.38
C GLY A 161 27.51 17.86 5.65
N PHE A 162 26.74 16.77 5.75
CA PHE A 162 26.06 16.44 7.00
C PHE A 162 25.90 14.94 7.08
N THR A 163 25.80 14.42 8.29
CA THR A 163 25.53 13.00 8.51
C THR A 163 24.48 12.83 9.58
N ILE A 164 23.85 11.65 9.61
CA ILE A 164 23.00 11.24 10.73
C ILE A 164 23.50 9.87 11.15
N TYR A 165 23.82 9.70 12.43
CA TYR A 165 24.27 8.40 12.91
C TYR A 165 23.51 8.00 14.18
N ARG A 166 23.61 6.73 14.58
CA ARG A 166 22.93 6.24 15.77
C ARG A 166 23.75 6.40 17.02
N LYS A 167 23.17 7.06 18.02
CA LYS A 167 23.90 7.29 19.28
C LYS A 167 24.36 5.97 19.88
N SER A 168 23.58 4.91 19.67
CA SER A 168 23.85 3.65 20.35
C SER A 168 24.95 2.84 19.69
N THR A 169 24.88 2.70 18.38
CA THR A 169 25.80 1.81 17.67
C THR A 169 26.85 2.56 16.87
N HIS A 170 26.67 3.88 16.76
CA HIS A 170 27.52 4.71 15.89
C HIS A 170 27.38 4.37 14.42
N ASP A 171 26.43 3.53 14.08
CA ASP A 171 26.20 3.29 12.65
C ASP A 171 25.75 4.59 11.95
N VAL A 172 26.41 4.95 10.86
CA VAL A 172 25.98 6.09 10.06
C VAL A 172 24.84 5.70 9.13
N LEU A 173 23.71 6.38 9.26
CA LEU A 173 22.52 6.02 8.50
C LEU A 173 22.40 6.77 7.19
N PHE A 174 22.75 8.05 7.21
CA PHE A 174 22.65 8.88 6.02
C PHE A 174 23.91 9.75 6.05
N ASP A 175 24.73 9.65 5.00
CA ASP A 175 26.04 10.27 5.02
C ASP A 175 26.17 11.12 3.78
N ALA A 176 25.86 12.40 3.92
CA ALA A 176 25.93 13.32 2.80
C ALA A 176 27.19 14.15 2.87
N THR A 177 28.31 13.53 3.22
CA THR A 177 29.58 14.24 3.17
C THR A 177 30.10 14.10 1.74
N PRO A 178 30.44 15.24 1.09
CA PRO A 178 30.88 15.13 -0.30
C PRO A 178 32.29 14.57 -0.44
N ILE A 179 32.55 14.00 -1.60
CA ILE A 179 33.92 13.70 -2.04
C ILE A 179 34.32 14.91 -2.82
N PRO A 180 35.25 15.71 -2.29
CA PRO A 180 35.56 17.05 -2.79
C PRO A 180 35.79 17.13 -4.31
N SER A 181 36.38 16.08 -4.88
CA SER A 181 36.66 16.07 -6.31
C SER A 181 35.47 15.69 -7.22
N ASN A 182 34.33 15.33 -6.63
CA ASN A 182 33.30 14.65 -7.39
C ASN A 182 31.95 15.27 -7.14
N PRO A 183 31.52 16.17 -8.03
CA PRO A 183 30.30 16.97 -7.85
C PRO A 183 29.05 16.10 -7.85
N THR A 184 29.15 14.83 -8.30
CA THR A 184 27.99 13.95 -8.24
C THR A 184 27.62 13.66 -6.80
N THR A 185 28.49 14.01 -5.85
CA THR A 185 28.24 13.69 -4.44
C THR A 185 27.84 14.95 -3.65
N PHE A 186 27.75 16.08 -4.36
CA PHE A 186 27.45 17.36 -3.73
C PHE A 186 25.94 17.55 -3.56
N LEU A 187 25.57 18.41 -2.62
CA LEU A 187 24.21 18.95 -2.62
C LEU A 187 24.26 20.08 -3.67
N ILE A 188 23.38 20.00 -4.67
CA ILE A 188 23.26 21.01 -5.71
C ILE A 188 21.81 21.46 -5.64
N TYR A 189 21.56 22.76 -5.76
CA TYR A 189 20.19 23.23 -5.50
C TYR A 189 19.86 24.31 -6.52
N LYS A 190 19.29 23.89 -7.64
CA LYS A 190 18.90 24.78 -8.73
C LYS A 190 17.40 24.80 -8.82
N ASP A 191 16.83 25.82 -9.46
CA ASP A 191 15.36 25.99 -9.47
C ASP A 191 14.69 24.70 -9.93
N GLN A 192 15.26 24.01 -10.92
CA GLN A 192 14.64 22.76 -11.41
C GLN A 192 15.60 21.58 -11.35
N TYR A 193 16.56 21.65 -10.43
CA TYR A 193 17.44 20.50 -10.25
C TYR A 193 18.00 20.50 -8.84
N LEU A 194 17.45 19.64 -7.98
CA LEU A 194 17.94 19.45 -6.65
C LEU A 194 18.67 18.11 -6.65
N GLN A 195 19.89 18.08 -6.12
CA GLN A 195 20.65 16.83 -6.05
C GLN A 195 21.07 16.62 -4.62
N LEU A 196 20.72 15.46 -4.08
CA LEU A 196 21.07 15.15 -2.68
C LEU A 196 21.57 13.70 -2.67
N SER A 197 22.72 13.44 -2.05
CA SER A 197 23.32 12.11 -2.17
C SER A 197 23.83 11.61 -0.82
N SER A 198 23.67 10.31 -0.55
CA SER A 198 24.24 9.71 0.66
C SER A 198 25.08 8.50 0.28
N SER A 199 26.21 8.31 0.94
CA SER A 199 26.89 7.05 0.75
C SER A 199 26.16 5.99 1.60
N LEU A 200 26.38 4.73 1.25
CA LEU A 200 25.76 3.60 1.93
C LEU A 200 26.79 2.51 2.09
N PRO A 201 26.70 1.73 3.19
CA PRO A 201 27.60 0.56 3.29
C PRO A 201 27.02 -0.54 2.41
N ALA A 202 27.64 -0.81 1.27
CA ALA A 202 26.99 -1.58 0.21
C ALA A 202 26.49 -2.97 0.62
N GLN A 203 27.30 -3.71 1.35
CA GLN A 203 26.95 -5.08 1.73
C GLN A 203 25.96 -5.11 2.91
N GLN A 204 25.97 -4.06 3.72
CA GLN A 204 25.20 -4.10 4.98
C GLN A 204 23.86 -3.41 4.85
N ALA A 205 23.71 -2.49 3.91
CA ALA A 205 22.43 -1.76 3.73
C ALA A 205 21.53 -2.48 2.73
N HIS A 206 20.32 -2.82 3.17
CA HIS A 206 19.37 -3.50 2.30
C HIS A 206 18.20 -2.56 2.16
N LEU A 207 17.92 -2.08 0.95
CA LEU A 207 16.93 -1.01 0.77
C LEU A 207 15.68 -1.55 0.10
N TYR A 208 14.53 -0.99 0.48
CA TYR A 208 13.23 -1.39 -0.05
C TYR A 208 12.40 -0.14 -0.29
N GLY A 209 11.68 -0.06 -1.39
CA GLY A 209 10.70 1.03 -1.54
C GLY A 209 10.86 1.80 -2.85
N LEU A 210 10.73 3.11 -2.75
CA LEU A 210 10.87 4.04 -3.89
C LEU A 210 9.97 3.64 -5.03
N GLY A 211 8.68 3.54 -4.75
CA GLY A 211 7.75 3.06 -5.78
C GLY A 211 7.22 4.18 -6.64
N GLU A 212 6.42 3.89 -7.69
CA GLU A 212 5.91 2.56 -7.96
C GLU A 212 6.58 1.96 -9.21
N HIS A 213 7.15 0.74 -9.05
CA HIS A 213 7.86 0.02 -10.13
C HIS A 213 7.67 -1.44 -9.99
N THR A 214 7.53 -2.12 -11.12
CA THR A 214 7.51 -3.58 -11.14
C THR A 214 8.94 -4.09 -11.19
N LYS A 215 9.25 -5.00 -10.26
CA LYS A 215 10.61 -5.58 -10.20
C LYS A 215 10.47 -7.03 -9.76
N PRO A 216 11.46 -7.87 -10.14
CA PRO A 216 11.40 -9.26 -9.73
C PRO A 216 11.83 -9.44 -8.30
N THR A 217 12.46 -8.43 -7.70
CA THR A 217 12.91 -8.55 -6.30
C THR A 217 12.27 -7.51 -5.45
N PHE A 218 12.11 -7.82 -4.15
CA PHE A 218 11.58 -6.85 -3.22
C PHE A 218 12.74 -5.93 -2.76
N GLN A 219 13.85 -6.52 -2.34
CA GLN A 219 15.03 -5.71 -2.00
C GLN A 219 15.50 -5.05 -3.30
N LEU A 220 15.77 -3.74 -3.24
CA LEU A 220 16.27 -3.03 -4.43
C LEU A 220 17.60 -3.55 -4.89
N ALA A 221 17.67 -3.91 -6.18
CA ALA A 221 18.94 -4.37 -6.77
C ALA A 221 19.91 -3.19 -6.87
N HIS A 222 21.21 -3.46 -6.79
CA HIS A 222 22.19 -2.38 -6.95
C HIS A 222 22.27 -1.97 -8.40
N ASN A 223 22.61 -0.71 -8.61
CA ASN A 223 22.93 -0.16 -9.94
C ASN A 223 21.71 0.04 -10.82
N GLN A 224 20.81 0.90 -10.36
CA GLN A 224 19.61 1.18 -11.12
C GLN A 224 19.15 2.60 -10.90
N ILE A 225 18.28 3.08 -11.78
CA ILE A 225 17.65 4.41 -11.62
C ILE A 225 16.17 4.17 -11.50
N LEU A 226 15.60 4.69 -10.42
CA LEU A 226 14.17 4.62 -10.19
C LEU A 226 13.53 5.98 -10.42
N THR A 227 12.56 6.05 -11.32
CA THR A 227 11.98 7.35 -11.67
C THR A 227 10.61 7.41 -11.08
N LEU A 228 10.28 8.54 -10.47
CA LEU A 228 9.00 8.73 -9.82
C LEU A 228 8.31 9.82 -10.61
N TRP A 229 7.32 9.45 -11.41
CA TRP A 229 6.56 10.39 -12.22
C TRP A 229 5.30 9.65 -12.62
N ASN A 230 4.15 10.02 -12.06
CA ASN A 230 2.96 9.19 -12.28
C ASN A 230 2.61 9.15 -13.75
N ALA A 231 2.43 7.93 -14.28
CA ALA A 231 2.31 7.73 -15.70
C ALA A 231 1.41 6.53 -15.97
N ASP A 232 0.68 6.60 -17.08
CA ASP A 232 -0.18 5.46 -17.45
C ASP A 232 0.67 4.49 -18.24
N ILE A 233 1.46 3.70 -17.53
CA ILE A 233 2.37 2.75 -18.16
C ILE A 233 2.04 1.41 -17.50
N ALA A 234 1.86 0.37 -18.31
CA ALA A 234 1.34 -0.90 -17.72
C ALA A 234 2.37 -1.54 -16.79
N SER A 235 1.88 -2.09 -15.68
CA SER A 235 2.72 -2.70 -14.66
C SER A 235 3.28 -4.02 -15.12
N PHE A 236 2.84 -4.49 -16.30
CA PHE A 236 3.57 -5.64 -16.86
C PHE A 236 4.96 -5.29 -17.37
N ASN A 237 5.26 -3.99 -17.46
CA ASN A 237 6.59 -3.50 -17.86
C ASN A 237 7.48 -3.41 -16.60
N ARG A 238 8.57 -4.19 -16.56
CA ARG A 238 9.52 -4.03 -15.45
C ARG A 238 10.19 -2.68 -15.53
N ASP A 239 10.60 -2.20 -14.35
CA ASP A 239 11.51 -1.08 -14.16
C ASP A 239 10.89 0.29 -14.33
N LEU A 240 9.98 0.46 -15.30
CA LEU A 240 9.51 1.80 -15.67
C LEU A 240 8.73 2.47 -14.57
N ASN A 241 8.70 3.80 -14.58
CA ASN A 241 7.84 4.49 -13.63
C ASN A 241 6.37 4.18 -13.92
N LEU A 242 5.61 3.86 -12.90
CA LEU A 242 4.21 3.52 -13.09
C LEU A 242 3.28 4.59 -12.53
N TYR A 243 2.17 4.16 -11.96
CA TYR A 243 1.02 5.06 -11.73
C TYR A 243 1.22 5.95 -10.50
N GLY A 244 2.12 5.54 -9.61
CA GLY A 244 2.26 6.23 -8.32
C GLY A 244 3.71 6.57 -8.01
N SER A 245 3.86 7.43 -7.01
CA SER A 245 5.20 7.94 -6.63
C SER A 245 5.26 7.96 -5.14
N HIS A 246 6.22 7.22 -4.59
CA HIS A 246 6.38 7.02 -3.14
C HIS A 246 7.85 7.14 -2.77
N PRO A 247 8.28 8.39 -2.48
CA PRO A 247 9.71 8.65 -2.31
C PRO A 247 10.17 8.33 -0.89
N PHE A 248 9.92 7.07 -0.51
CA PHE A 248 10.26 6.52 0.81
C PHE A 248 11.10 5.28 0.59
N TYR A 249 12.16 5.11 1.37
CA TYR A 249 12.80 3.82 1.42
C TYR A 249 13.05 3.39 2.85
N MET A 250 13.05 2.09 3.05
CA MET A 250 13.43 1.46 4.31
C MET A 250 14.83 0.87 4.11
N ASP A 251 15.70 1.03 5.09
CA ASP A 251 17.10 0.55 5.05
C ASP A 251 17.31 -0.39 6.24
N VAL A 252 17.41 -1.69 5.96
CA VAL A 252 17.61 -2.69 6.99
C VAL A 252 19.09 -3.00 6.99
N ARG A 253 19.76 -2.83 8.14
CA ARG A 253 21.20 -3.12 8.24
C ARG A 253 21.48 -4.50 8.82
N SER A 254 22.35 -5.25 8.16
CA SER A 254 22.70 -6.57 8.64
C SER A 254 23.80 -6.47 9.73
N SER A 255 24.51 -5.34 9.76
CA SER A 255 25.59 -5.13 10.73
C SER A 255 25.72 -3.62 10.86
N PRO A 256 26.17 -3.11 12.03
CA PRO A 256 26.71 -3.78 13.23
C PRO A 256 25.73 -4.55 14.09
N MET A 257 24.47 -4.11 14.16
CA MET A 257 23.50 -4.79 15.00
C MET A 257 22.43 -5.34 14.08
N VAL A 258 22.33 -6.67 13.97
CA VAL A 258 21.51 -7.22 12.87
C VAL A 258 20.04 -6.80 12.99
N GLY A 259 19.45 -6.42 11.85
CA GLY A 259 18.03 -6.08 11.85
C GLY A 259 17.75 -4.63 12.18
N SER A 260 18.78 -3.86 12.54
N SER A 260 18.77 -3.85 12.52
CA SER A 260 18.58 -2.43 12.80
CA SER A 260 18.57 -2.43 12.78
C SER A 260 18.12 -1.68 11.55
C SER A 260 18.10 -1.70 11.53
N THR A 261 16.93 -1.06 11.61
CA THR A 261 16.27 -0.51 10.44
C THR A 261 15.92 0.94 10.65
N HIS A 262 16.02 1.74 9.59
CA HIS A 262 15.51 3.12 9.65
C HIS A 262 14.81 3.39 8.34
N GLY A 263 14.12 4.52 8.26
CA GLY A 263 13.40 4.88 7.02
C GLY A 263 13.82 6.28 6.61
N VAL A 264 13.69 6.58 5.31
CA VAL A 264 14.12 7.88 4.78
C VAL A 264 13.05 8.31 3.79
N PHE A 265 12.50 9.50 3.98
CA PHE A 265 11.40 9.98 3.12
C PHE A 265 11.72 11.37 2.66
N LEU A 266 11.58 11.61 1.36
CA LEU A 266 11.74 12.95 0.80
C LEU A 266 10.34 13.45 0.46
N LEU A 267 9.84 14.41 1.24
CA LEU A 267 8.46 14.85 1.02
C LEU A 267 8.44 15.88 -0.07
N ASN A 268 8.33 15.39 -1.31
CA ASN A 268 8.49 16.24 -2.50
C ASN A 268 7.65 15.57 -3.59
N SER A 269 6.78 16.34 -4.23
CA SER A 269 5.87 15.80 -5.23
C SER A 269 6.35 16.03 -6.65
N ASN A 270 7.56 16.55 -6.82
CA ASN A 270 8.08 16.76 -8.17
C ASN A 270 8.63 15.51 -8.81
N GLY A 271 8.78 15.52 -10.13
CA GLY A 271 9.40 14.39 -10.79
C GLY A 271 10.82 14.17 -10.27
N MET A 272 11.24 12.92 -10.14
CA MET A 272 12.64 12.72 -9.77
C MET A 272 13.17 11.41 -10.29
N ASP A 273 14.50 11.32 -10.39
CA ASP A 273 15.23 10.08 -10.59
C ASP A 273 15.96 9.79 -9.29
N VAL A 274 15.95 8.54 -8.85
CA VAL A 274 16.75 8.17 -7.66
C VAL A 274 17.71 7.10 -8.18
N GLU A 275 19.02 7.39 -8.09
CA GLU A 275 20.03 6.44 -8.57
C GLU A 275 20.66 5.73 -7.40
N TYR A 276 20.60 4.40 -7.44
CA TYR A 276 21.10 3.58 -6.34
C TYR A 276 22.19 2.70 -6.87
N THR A 277 23.43 2.88 -6.41
CA THR A 277 24.53 2.07 -6.93
C THR A 277 25.07 1.11 -5.88
N GLY A 278 24.32 0.90 -4.80
CA GLY A 278 24.79 0.01 -3.74
C GLY A 278 25.60 0.79 -2.70
N ASP A 279 26.67 1.46 -3.11
CA ASP A 279 27.42 2.24 -2.11
C ASP A 279 27.00 3.71 -2.06
N ARG A 280 25.97 4.07 -2.82
CA ARG A 280 25.47 5.44 -2.82
C ARG A 280 24.03 5.45 -3.29
N ILE A 281 23.28 6.45 -2.84
CA ILE A 281 21.93 6.69 -3.36
C ILE A 281 21.83 8.20 -3.57
N THR A 282 21.32 8.60 -4.73
CA THR A 282 21.31 10.04 -5.06
C THR A 282 19.93 10.40 -5.59
N TYR A 283 19.33 11.47 -5.06
CA TYR A 283 18.05 11.96 -5.57
C TYR A 283 18.36 13.06 -6.55
N LYS A 284 17.64 13.08 -7.67
CA LYS A 284 17.78 14.11 -8.68
C LYS A 284 16.34 14.55 -8.96
N VAL A 285 15.96 15.70 -8.40
CA VAL A 285 14.56 16.13 -8.32
C VAL A 285 14.40 17.42 -9.10
N ILE A 286 13.29 17.55 -9.83
CA ILE A 286 13.21 18.66 -10.77
C ILE A 286 12.43 19.86 -10.25
N GLY A 287 12.12 19.91 -8.95
CA GLY A 287 11.60 21.14 -8.38
C GLY A 287 11.36 20.97 -6.87
N GLY A 288 10.68 21.94 -6.27
CA GLY A 288 10.32 21.80 -4.88
C GLY A 288 11.48 22.10 -3.96
N ILE A 289 11.47 21.48 -2.77
CA ILE A 289 12.55 21.70 -1.81
C ILE A 289 13.04 20.36 -1.30
N ILE A 290 14.10 20.37 -0.49
CA ILE A 290 14.49 19.14 0.21
C ILE A 290 13.81 19.20 1.57
N ASP A 291 12.92 18.24 1.83
CA ASP A 291 12.31 18.16 3.15
C ASP A 291 12.39 16.69 3.45
N LEU A 292 13.46 16.33 4.16
CA LEU A 292 13.90 14.94 4.31
C LEU A 292 13.60 14.49 5.74
N TYR A 293 12.94 13.35 5.88
CA TYR A 293 12.63 12.84 7.20
C TYR A 293 13.34 11.52 7.38
N ILE A 294 14.03 11.37 8.49
CA ILE A 294 14.67 10.10 8.85
C ILE A 294 13.98 9.54 10.09
N PHE A 295 13.51 8.29 9.97
CA PHE A 295 12.77 7.62 11.03
C PHE A 295 13.70 6.60 11.68
N ALA A 296 13.85 6.70 13.00
CA ALA A 296 14.84 5.96 13.76
C ALA A 296 14.61 4.46 13.84
N GLY A 297 13.39 3.99 13.62
CA GLY A 297 13.18 2.55 13.86
C GLY A 297 13.23 2.25 15.37
N ARG A 298 13.95 1.22 15.83
CA ARG A 298 14.97 0.48 15.06
C ARG A 298 14.45 -0.83 14.44
N THR A 299 13.21 -1.21 14.75
CA THR A 299 12.65 -2.36 14.03
C THR A 299 11.92 -1.94 12.77
N PRO A 300 11.76 -2.87 11.83
CA PRO A 300 11.03 -2.44 10.63
C PRO A 300 9.60 -1.96 10.96
N GLU A 301 8.94 -2.62 11.91
N GLU A 301 8.95 -2.61 11.92
CA GLU A 301 7.57 -2.25 12.28
CA GLU A 301 7.61 -2.20 12.34
C GLU A 301 7.54 -0.86 12.91
C GLU A 301 7.60 -0.79 12.88
N MET A 302 8.55 -0.54 13.72
N MET A 302 8.56 -0.48 13.73
CA MET A 302 8.64 0.83 14.26
CA MET A 302 8.64 0.89 14.26
C MET A 302 8.83 1.88 13.15
C MET A 302 8.86 1.92 13.17
N VAL A 303 9.63 1.56 12.13
CA VAL A 303 9.82 2.49 11.02
C VAL A 303 8.49 2.82 10.37
N LEU A 304 7.66 1.80 10.12
CA LEU A 304 6.39 2.11 9.47
C LEU A 304 5.38 2.85 10.37
N ASP A 305 5.47 2.61 11.69
CA ASP A 305 4.68 3.34 12.65
C ASP A 305 5.10 4.83 12.56
N GLN A 306 6.41 5.09 12.59
CA GLN A 306 6.91 6.46 12.45
C GLN A 306 6.54 7.13 11.12
N TYR A 307 6.67 6.38 10.03
CA TYR A 307 6.42 6.94 8.70
C TYR A 307 4.92 7.26 8.56
N THR A 308 4.06 6.33 8.98
CA THR A 308 2.63 6.58 8.79
C THR A 308 2.11 7.60 9.82
N LYS A 309 2.83 7.80 10.91
CA LYS A 309 2.44 8.88 11.79
C LYS A 309 2.55 10.22 11.04
N LEU A 310 3.54 10.33 10.16
CA LEU A 310 3.74 11.54 9.36
C LEU A 310 2.76 11.62 8.17
N ILE A 311 2.69 10.56 7.36
CA ILE A 311 1.93 10.64 6.09
C ILE A 311 0.46 10.26 6.19
N GLY A 312 0.04 9.69 7.33
CA GLY A 312 -1.34 9.30 7.50
C GLY A 312 -1.47 7.79 7.75
N ARG A 313 -2.32 7.42 8.70
CA ARG A 313 -2.53 5.98 8.98
C ARG A 313 -3.40 5.37 7.90
N PRO A 314 -3.14 4.10 7.56
CA PRO A 314 -3.94 3.40 6.56
C PRO A 314 -5.43 3.47 6.90
N ALA A 315 -6.26 3.72 5.89
CA ALA A 315 -7.68 3.91 6.13
C ALA A 315 -8.27 2.59 6.63
N PRO A 316 -9.27 2.68 7.46
CA PRO A 316 -9.96 1.42 7.75
C PRO A 316 -10.76 0.98 6.53
N MET A 317 -11.03 -0.32 6.45
CA MET A 317 -11.74 -0.92 5.33
C MET A 317 -12.94 -1.65 5.91
N PRO A 318 -14.06 -1.65 5.20
CA PRO A 318 -15.21 -2.42 5.69
C PRO A 318 -14.96 -3.93 5.57
N TYR A 319 -15.62 -4.73 6.40
CA TYR A 319 -15.34 -6.17 6.45
C TYR A 319 -15.56 -6.80 5.09
N TRP A 320 -16.62 -6.36 4.40
CA TRP A 320 -16.91 -6.90 3.06
C TRP A 320 -15.85 -6.72 2.01
N ALA A 321 -14.97 -5.73 2.18
CA ALA A 321 -13.92 -5.52 1.20
C ALA A 321 -12.88 -6.65 1.18
N PHE A 322 -12.88 -7.48 2.21
CA PHE A 322 -12.00 -8.68 2.24
C PHE A 322 -12.64 -9.90 1.55
N GLY A 323 -13.90 -9.76 1.11
CA GLY A 323 -14.54 -10.84 0.34
C GLY A 323 -13.91 -10.89 -1.08
N PHE A 324 -14.31 -11.87 -1.89
CA PHE A 324 -13.78 -11.98 -3.24
C PHE A 324 -14.52 -11.03 -4.20
N HIS A 325 -13.78 -10.38 -5.10
CA HIS A 325 -14.33 -9.40 -6.05
C HIS A 325 -14.18 -9.90 -7.48
N GLN A 326 -15.17 -9.66 -8.32
CA GLN A 326 -15.12 -10.01 -9.77
C GLN A 326 -15.38 -8.79 -10.65
N CYS A 327 -14.53 -8.60 -11.68
CA CYS A 327 -14.67 -7.50 -12.64
C CYS A 327 -14.19 -8.00 -14.00
N ARG A 328 -14.62 -7.34 -15.07
CA ARG A 328 -14.00 -7.61 -16.37
C ARG A 328 -14.29 -6.40 -17.22
N TRP A 329 -13.31 -5.94 -17.97
CA TRP A 329 -13.56 -4.93 -18.99
C TRP A 329 -14.17 -5.67 -20.16
N GLY A 330 -15.41 -5.34 -20.52
CA GLY A 330 -15.99 -6.01 -21.65
C GLY A 330 -17.31 -6.69 -21.42
N TYR A 331 -17.79 -6.70 -20.18
CA TYR A 331 -19.12 -7.27 -19.90
C TYR A 331 -20.11 -6.46 -20.71
N ARG A 332 -20.98 -7.12 -21.49
CA ARG A 332 -21.68 -6.43 -22.56
C ARG A 332 -22.98 -5.77 -22.11
N ASP A 333 -23.63 -6.35 -21.11
CA ASP A 333 -24.93 -5.86 -20.68
C ASP A 333 -25.30 -6.41 -19.31
N VAL A 334 -26.43 -5.97 -18.77
CA VAL A 334 -26.83 -6.38 -17.44
C VAL A 334 -27.04 -7.88 -17.37
N ASN A 335 -27.59 -8.47 -18.44
N ASN A 335 -27.59 -8.47 -18.44
CA ASN A 335 -27.80 -9.92 -18.44
CA ASN A 335 -27.81 -9.91 -18.44
C ASN A 335 -26.51 -10.68 -18.19
C ASN A 335 -26.51 -10.68 -18.21
N GLU A 336 -25.43 -10.22 -18.83
CA GLU A 336 -24.14 -10.88 -18.64
C GLU A 336 -23.65 -10.78 -17.20
N ILE A 337 -23.69 -9.59 -16.58
CA ILE A 337 -23.21 -9.51 -15.19
C ILE A 337 -24.12 -10.35 -14.24
N GLU A 338 -25.40 -10.49 -14.56
CA GLU A 338 -26.26 -11.30 -13.69
C GLU A 338 -25.89 -12.76 -13.84
N THR A 339 -25.51 -13.14 -15.06
CA THR A 339 -25.19 -14.54 -15.35
C THR A 339 -23.89 -14.92 -14.62
N VAL A 340 -22.93 -13.99 -14.59
CA VAL A 340 -21.68 -14.24 -13.90
C VAL A 340 -21.94 -14.44 -12.41
N VAL A 341 -22.77 -13.59 -11.82
CA VAL A 341 -23.12 -13.74 -10.40
C VAL A 341 -23.78 -15.08 -10.17
N ASP A 342 -24.72 -15.44 -11.04
CA ASP A 342 -25.41 -16.71 -10.92
C ASP A 342 -24.46 -17.91 -11.04
N LYS A 343 -23.50 -17.82 -11.95
CA LYS A 343 -22.60 -18.96 -12.15
C LYS A 343 -21.60 -19.14 -11.02
N TYR A 344 -21.20 -18.04 -10.37
CA TYR A 344 -20.40 -18.16 -9.18
C TYR A 344 -21.20 -18.91 -8.12
N ALA A 345 -22.47 -18.57 -7.98
CA ALA A 345 -23.27 -19.23 -6.94
C ALA A 345 -23.44 -20.72 -7.25
N GLU A 346 -23.70 -21.05 -8.53
CA GLU A 346 -23.88 -22.45 -8.93
C GLU A 346 -22.60 -23.26 -8.71
N ALA A 347 -21.44 -22.61 -8.87
CA ALA A 347 -20.15 -23.27 -8.66
C ALA A 347 -19.76 -23.33 -7.18
N ARG A 348 -20.59 -22.74 -6.31
CA ARG A 348 -20.26 -22.68 -4.87
C ARG A 348 -18.91 -22.01 -4.58
N ILE A 349 -18.62 -20.95 -5.36
CA ILE A 349 -17.43 -20.18 -5.12
C ILE A 349 -17.90 -18.87 -4.53
N PRO A 350 -17.35 -18.48 -3.38
CA PRO A 350 -17.83 -17.23 -2.76
C PRO A 350 -17.58 -16.02 -3.68
N LEU A 351 -18.56 -15.12 -3.80
CA LEU A 351 -18.39 -13.88 -4.55
C LEU A 351 -19.08 -12.82 -3.70
N GLU A 352 -18.32 -11.79 -3.32
CA GLU A 352 -18.84 -10.77 -2.43
C GLU A 352 -19.23 -9.51 -3.20
N VAL A 353 -18.47 -9.13 -4.23
CA VAL A 353 -18.71 -7.85 -4.89
C VAL A 353 -18.61 -8.01 -6.39
N MET A 354 -19.62 -7.53 -7.09
CA MET A 354 -19.61 -7.49 -8.54
C MET A 354 -19.27 -6.07 -8.99
N TRP A 355 -18.36 -5.95 -9.96
CA TRP A 355 -17.86 -4.65 -10.41
C TRP A 355 -18.24 -4.45 -11.87
N THR A 356 -18.48 -3.21 -12.27
CA THR A 356 -18.71 -2.90 -13.69
C THR A 356 -17.67 -1.88 -14.13
N ASP A 357 -17.01 -2.20 -15.24
CA ASP A 357 -16.02 -1.34 -15.85
C ASP A 357 -16.78 -0.38 -16.79
N ILE A 358 -16.05 0.32 -17.67
CA ILE A 358 -16.65 1.45 -18.41
C ILE A 358 -17.79 1.09 -19.36
N ASP A 359 -17.99 -0.21 -19.56
CA ASP A 359 -19.07 -0.71 -20.35
C ASP A 359 -20.43 -0.17 -19.85
N TYR A 360 -20.57 0.09 -18.55
CA TYR A 360 -21.92 0.42 -18.03
C TYR A 360 -22.37 1.83 -18.44
N MET A 361 -21.39 2.70 -18.77
CA MET A 361 -21.70 4.09 -19.08
C MET A 361 -22.34 4.25 -20.45
N ASP A 362 -23.01 5.39 -20.63
CA ASP A 362 -23.47 5.80 -21.97
C ASP A 362 -22.28 6.42 -22.70
N ALA A 363 -21.73 5.67 -23.65
CA ALA A 363 -20.59 6.13 -24.47
C ALA A 363 -19.41 6.60 -23.60
N PHE A 364 -19.13 5.85 -22.55
CA PHE A 364 -17.94 6.02 -21.73
C PHE A 364 -17.97 7.31 -20.93
N LYS A 365 -19.17 7.79 -20.65
CA LYS A 365 -19.31 9.04 -19.85
C LYS A 365 -19.61 8.74 -18.39
N ASP A 366 -18.80 9.28 -17.49
CA ASP A 366 -19.12 9.18 -16.05
C ASP A 366 -20.56 9.61 -15.73
N PHE A 367 -21.14 8.95 -14.74
CA PHE A 367 -22.41 9.34 -14.16
C PHE A 367 -23.56 9.08 -15.11
N THR A 368 -23.38 8.13 -16.03
CA THR A 368 -24.49 7.80 -16.96
C THR A 368 -24.55 6.28 -17.05
N LEU A 369 -25.68 5.78 -17.57
CA LEU A 369 -25.87 4.38 -17.88
C LEU A 369 -26.18 4.21 -19.37
N ASP A 370 -25.58 3.21 -20.01
CA ASP A 370 -25.97 2.84 -21.39
C ASP A 370 -27.44 2.43 -21.44
N PRO A 371 -28.29 3.22 -22.12
CA PRO A 371 -29.73 2.98 -22.00
C PRO A 371 -30.20 1.72 -22.76
N VAL A 372 -29.36 1.20 -23.65
CA VAL A 372 -29.67 -0.07 -24.30
C VAL A 372 -29.16 -1.27 -23.48
N HIS A 373 -27.89 -1.21 -23.08
CA HIS A 373 -27.22 -2.39 -22.51
C HIS A 373 -27.25 -2.47 -21.00
N PHE A 374 -27.29 -1.31 -20.36
CA PHE A 374 -27.34 -1.24 -18.90
C PHE A 374 -28.44 -0.28 -18.45
N PRO A 375 -29.67 -0.53 -18.90
CA PRO A 375 -30.76 0.41 -18.61
C PRO A 375 -30.97 0.55 -17.12
N LEU A 376 -31.30 1.76 -16.67
CA LEU A 376 -31.46 2.02 -15.24
C LEU A 376 -32.40 1.06 -14.52
N ASP A 377 -33.58 0.78 -15.06
CA ASP A 377 -34.49 -0.11 -14.34
C ASP A 377 -33.90 -1.50 -14.07
N LYS A 378 -33.23 -2.07 -15.07
CA LYS A 378 -32.52 -3.35 -14.91
C LYS A 378 -31.33 -3.26 -13.96
N MET A 379 -30.57 -2.17 -14.04
CA MET A 379 -29.45 -2.03 -13.11
C MET A 379 -29.95 -1.90 -11.67
N GLN A 380 -31.04 -1.17 -11.46
CA GLN A 380 -31.59 -1.06 -10.11
C GLN A 380 -32.04 -2.43 -9.60
N GLN A 381 -32.66 -3.23 -10.47
CA GLN A 381 -33.07 -4.58 -10.07
C GLN A 381 -31.84 -5.44 -9.74
N PHE A 382 -30.78 -5.29 -10.53
CA PHE A 382 -29.55 -6.07 -10.33
C PHE A 382 -28.92 -5.76 -8.99
N VAL A 383 -28.84 -4.48 -8.68
CA VAL A 383 -28.18 -4.08 -7.43
C VAL A 383 -29.06 -4.50 -6.23
N THR A 384 -30.39 -4.42 -6.38
CA THR A 384 -31.28 -4.78 -5.30
C THR A 384 -31.11 -6.25 -5.01
N LYS A 385 -30.93 -7.03 -6.07
CA LYS A 385 -30.73 -8.49 -5.89
C LYS A 385 -29.41 -8.79 -5.22
N LEU A 386 -28.35 -8.11 -5.64
CA LEU A 386 -27.06 -8.27 -4.96
C LEU A 386 -27.26 -8.02 -3.48
N HIS A 387 -27.90 -6.92 -3.14
CA HIS A 387 -28.02 -6.55 -1.74
C HIS A 387 -28.87 -7.55 -0.95
N ARG A 388 -29.96 -8.03 -1.56
CA ARG A 388 -30.76 -9.11 -0.94
C ARG A 388 -29.93 -10.35 -0.65
N ASN A 389 -28.90 -10.60 -1.46
CA ASN A 389 -28.06 -11.77 -1.27
C ASN A 389 -26.77 -11.50 -0.49
N GLY A 390 -26.68 -10.36 0.19
CA GLY A 390 -25.49 -10.05 0.97
C GLY A 390 -24.28 -9.66 0.14
N GLN A 391 -24.51 -9.24 -1.10
CA GLN A 391 -23.41 -8.87 -1.99
C GLN A 391 -23.39 -7.37 -2.21
N ARG A 392 -22.34 -6.89 -2.88
CA ARG A 392 -22.09 -5.46 -3.05
C ARG A 392 -21.76 -5.12 -4.51
N TYR A 393 -21.79 -3.83 -4.85
CA TYR A 393 -21.60 -3.40 -6.22
C TYR A 393 -20.65 -2.22 -6.26
N VAL A 394 -19.63 -2.29 -7.12
CA VAL A 394 -18.70 -1.18 -7.29
C VAL A 394 -18.51 -0.82 -8.76
N PRO A 395 -18.85 0.42 -9.14
CA PRO A 395 -18.58 0.89 -10.51
C PRO A 395 -17.31 1.72 -10.63
N ILE A 396 -16.78 1.79 -11.86
CA ILE A 396 -15.61 2.61 -12.15
C ILE A 396 -16.02 4.05 -12.46
N LEU A 397 -15.11 4.98 -12.17
CA LEU A 397 -15.22 6.37 -12.61
C LEU A 397 -13.86 6.84 -13.10
N ASP A 398 -13.86 7.58 -14.19
CA ASP A 398 -12.62 8.21 -14.72
C ASP A 398 -12.67 9.71 -14.38
N PRO A 399 -11.51 10.39 -14.41
CA PRO A 399 -11.62 11.80 -14.00
C PRO A 399 -12.08 12.70 -15.15
N GLY A 400 -11.76 12.32 -16.39
CA GLY A 400 -12.06 13.22 -17.50
C GLY A 400 -13.54 13.32 -17.78
N ILE A 401 -14.03 14.55 -17.95
CA ILE A 401 -15.45 14.79 -18.22
C ILE A 401 -15.62 15.16 -19.69
N ASN A 402 -16.42 14.37 -20.41
CA ASN A 402 -16.67 14.61 -21.83
C ASN A 402 -17.29 15.97 -22.04
N THR A 403 -16.95 16.60 -23.16
CA THR A 403 -17.31 18.01 -23.41
C THR A 403 -18.60 18.19 -24.18
N ASN A 404 -19.46 17.18 -24.23
CA ASN A 404 -20.71 17.26 -24.97
C ASN A 404 -21.66 18.26 -24.30
N LYS A 405 -22.16 19.24 -25.06
CA LYS A 405 -22.92 20.34 -24.46
C LYS A 405 -24.30 19.91 -23.92
N SER A 406 -24.75 18.70 -24.28
N SER A 406 -24.78 18.71 -24.26
CA SER A 406 -26.00 18.16 -23.76
CA SER A 406 -26.04 18.24 -23.67
C SER A 406 -25.85 17.28 -22.51
C SER A 406 -25.85 17.26 -22.51
N TYR A 407 -24.62 17.08 -22.05
CA TYR A 407 -24.33 16.15 -20.95
C TYR A 407 -24.35 16.92 -19.64
N GLY A 408 -25.22 16.51 -18.70
CA GLY A 408 -25.49 17.31 -17.51
C GLY A 408 -24.24 17.51 -16.66
N THR A 409 -23.39 16.50 -16.59
CA THR A 409 -22.17 16.59 -15.78
C THR A 409 -21.28 17.72 -16.33
N PHE A 410 -21.15 17.80 -17.65
CA PHE A 410 -20.32 18.83 -18.24
C PHE A 410 -20.92 20.20 -18.02
N ILE A 411 -22.23 20.31 -18.19
CA ILE A 411 -22.90 21.59 -18.01
C ILE A 411 -22.66 22.09 -16.59
N ARG A 412 -22.80 21.21 -15.60
CA ARG A 412 -22.60 21.64 -14.22
C ARG A 412 -21.13 21.94 -13.91
N GLY A 413 -20.22 21.18 -14.49
CA GLY A 413 -18.80 21.45 -14.30
C GLY A 413 -18.41 22.83 -14.85
N MET A 414 -18.96 23.19 -16.00
N MET A 414 -18.94 23.17 -16.04
CA MET A 414 -18.61 24.49 -16.55
CA MET A 414 -18.66 24.48 -16.62
C MET A 414 -19.24 25.62 -15.74
C MET A 414 -19.22 25.59 -15.74
N GLN A 415 -20.44 25.39 -15.24
CA GLN A 415 -21.14 26.41 -14.45
C GLN A 415 -20.35 26.74 -13.19
N SER A 416 -19.64 25.75 -12.65
CA SER A 416 -18.87 25.96 -11.42
C SER A 416 -17.39 26.19 -11.72
N ASN A 417 -17.05 26.27 -13.01
CA ASN A 417 -15.69 26.53 -13.44
C ASN A 417 -14.70 25.55 -12.81
N VAL A 418 -14.94 24.25 -12.94
CA VAL A 418 -14.16 23.29 -12.15
C VAL A 418 -12.93 22.72 -12.82
N PHE A 419 -12.69 23.07 -14.08
CA PHE A 419 -11.68 22.32 -14.87
C PHE A 419 -10.30 22.94 -14.88
N ILE A 420 -9.28 22.09 -15.03
CA ILE A 420 -7.90 22.54 -15.18
C ILE A 420 -7.77 23.33 -16.45
N LYS A 421 -7.05 24.45 -16.35
CA LYS A 421 -6.82 25.35 -17.49
C LYS A 421 -5.38 25.30 -17.98
N ARG A 422 -5.20 25.66 -19.24
CA ARG A 422 -3.86 25.92 -19.76
C ARG A 422 -4.01 27.10 -20.71
N ASP A 423 -3.08 28.07 -20.62
CA ASP A 423 -3.18 29.29 -21.40
C ASP A 423 -4.54 29.96 -21.18
N GLY A 424 -5.09 29.86 -19.97
CA GLY A 424 -6.36 30.51 -19.62
C GLY A 424 -7.65 29.81 -20.08
N ASN A 425 -7.53 28.72 -20.82
CA ASN A 425 -8.68 27.98 -21.37
C ASN A 425 -8.69 26.58 -20.78
N PRO A 426 -9.88 25.95 -20.65
CA PRO A 426 -9.90 24.57 -20.14
C PRO A 426 -9.01 23.66 -21.01
N TYR A 427 -8.20 22.84 -20.36
CA TYR A 427 -7.26 21.96 -21.06
C TYR A 427 -8.04 20.76 -21.64
N LEU A 428 -7.90 20.56 -22.95
CA LEU A 428 -8.69 19.52 -23.63
C LEU A 428 -7.85 18.27 -23.81
N GLY A 429 -8.20 17.20 -23.09
CA GLY A 429 -7.52 15.92 -23.24
C GLY A 429 -8.34 14.94 -24.08
N SER A 430 -7.84 13.72 -24.22
CA SER A 430 -8.58 12.66 -24.95
C SER A 430 -8.53 11.45 -24.05
N VAL A 431 -9.68 10.85 -23.73
CA VAL A 431 -9.69 9.58 -22.96
C VAL A 431 -10.87 8.78 -23.54
N TRP A 432 -11.47 7.86 -22.77
CA TRP A 432 -12.40 6.92 -23.42
C TRP A 432 -13.58 7.53 -24.16
N PRO A 433 -14.21 8.60 -23.62
CA PRO A 433 -15.33 9.14 -24.38
C PRO A 433 -14.91 10.11 -25.46
N GLY A 434 -13.61 10.30 -25.64
CA GLY A 434 -13.11 11.25 -26.66
C GLY A 434 -12.64 12.50 -25.92
N PRO A 435 -13.12 13.68 -26.33
CA PRO A 435 -12.60 14.94 -25.75
C PRO A 435 -13.08 15.10 -24.32
N VAL A 436 -12.18 15.51 -23.41
CA VAL A 436 -12.53 15.67 -21.99
C VAL A 436 -11.86 16.90 -21.47
N TYR A 437 -12.48 17.47 -20.43
CA TYR A 437 -11.77 18.38 -19.49
C TYR A 437 -11.56 17.65 -18.17
N TYR A 438 -10.54 18.04 -17.41
CA TYR A 438 -10.20 17.34 -16.16
C TYR A 438 -10.53 18.23 -14.98
N PRO A 439 -11.32 17.70 -14.04
CA PRO A 439 -11.60 18.51 -12.83
C PRO A 439 -10.30 18.83 -12.10
N ASP A 440 -10.21 20.06 -11.57
CA ASP A 440 -9.01 20.46 -10.82
C ASP A 440 -9.23 20.10 -9.36
N PHE A 441 -8.71 18.97 -8.92
CA PHE A 441 -9.01 18.53 -7.55
C PHE A 441 -8.24 19.29 -6.45
N LEU A 442 -7.46 20.29 -6.83
CA LEU A 442 -6.97 21.25 -5.84
C LEU A 442 -7.97 22.38 -5.58
N ASP A 443 -9.01 22.49 -6.43
CA ASP A 443 -9.97 23.59 -6.37
C ASP A 443 -11.13 23.14 -5.51
N PRO A 444 -11.40 23.84 -4.41
CA PRO A 444 -12.53 23.44 -3.58
C PRO A 444 -13.85 23.31 -4.37
N ALA A 445 -14.04 24.13 -5.40
CA ALA A 445 -15.28 24.09 -6.17
C ALA A 445 -15.39 22.79 -6.96
N ALA A 446 -14.23 22.25 -7.36
CA ALA A 446 -14.22 20.98 -8.11
C ALA A 446 -14.49 19.85 -7.18
N ARG A 447 -14.00 19.93 -5.94
CA ARG A 447 -14.32 18.89 -4.96
C ARG A 447 -15.82 18.91 -4.70
N SER A 448 -16.43 20.09 -4.55
CA SER A 448 -17.85 20.17 -4.28
C SER A 448 -18.66 19.61 -5.43
N PHE A 449 -18.24 19.95 -6.65
CA PHE A 449 -18.82 19.40 -7.88
C PHE A 449 -18.77 17.86 -7.90
N TRP A 450 -17.62 17.30 -7.56
CA TRP A 450 -17.42 15.84 -7.58
C TRP A 450 -18.32 15.16 -6.55
N VAL A 451 -18.37 15.74 -5.35
CA VAL A 451 -19.30 15.24 -4.32
C VAL A 451 -20.73 15.27 -4.86
N ASP A 452 -21.12 16.36 -5.51
CA ASP A 452 -22.49 16.48 -5.99
C ASP A 452 -22.81 15.51 -7.12
N GLU A 453 -21.87 15.28 -8.05
CA GLU A 453 -22.11 14.31 -9.11
C GLU A 453 -22.27 12.90 -8.53
N ILE A 454 -21.42 12.52 -7.58
CA ILE A 454 -21.53 11.19 -6.95
C ILE A 454 -22.88 11.07 -6.20
N LYS A 455 -23.25 12.12 -5.46
CA LYS A 455 -24.57 12.12 -4.82
C LYS A 455 -25.73 11.93 -5.79
N ARG A 456 -25.68 12.66 -6.90
CA ARG A 456 -26.76 12.56 -7.90
C ARG A 456 -26.87 11.13 -8.43
N PHE A 457 -25.72 10.50 -8.70
CA PHE A 457 -25.71 9.19 -9.33
C PHE A 457 -26.13 8.14 -8.32
N ARG A 458 -25.62 8.25 -7.09
CA ARG A 458 -25.94 7.31 -6.02
C ARG A 458 -27.42 7.38 -5.66
N ASP A 459 -28.01 8.56 -5.77
CA ASP A 459 -29.46 8.73 -5.54
C ASP A 459 -30.32 7.93 -6.54
N ILE A 460 -29.77 7.66 -7.72
CA ILE A 460 -30.51 6.97 -8.77
C ILE A 460 -30.17 5.46 -8.77
N LEU A 461 -28.89 5.14 -8.58
CA LEU A 461 -28.43 3.75 -8.55
C LEU A 461 -27.53 3.53 -7.35
N PRO A 462 -27.98 2.75 -6.37
CA PRO A 462 -27.16 2.59 -5.17
C PRO A 462 -25.83 1.97 -5.51
N ILE A 463 -24.75 2.37 -4.85
CA ILE A 463 -23.46 1.72 -5.06
C ILE A 463 -22.85 1.52 -3.69
N ASP A 464 -21.84 0.66 -3.62
CA ASP A 464 -21.23 0.38 -2.32
C ASP A 464 -19.83 0.94 -2.16
N GLY A 465 -19.25 1.41 -3.24
CA GLY A 465 -17.87 1.88 -3.23
C GLY A 465 -17.57 2.38 -4.64
N ILE A 466 -16.39 2.94 -4.86
CA ILE A 466 -16.04 3.46 -6.19
C ILE A 466 -14.63 3.03 -6.56
N TRP A 467 -14.41 2.76 -7.83
CA TRP A 467 -13.09 2.45 -8.35
C TRP A 467 -12.71 3.67 -9.17
N ILE A 468 -11.64 4.37 -8.77
CA ILE A 468 -11.18 5.51 -9.58
C ILE A 468 -9.93 5.18 -10.39
N ASP A 469 -10.02 5.33 -11.72
CA ASP A 469 -8.98 4.87 -12.61
C ASP A 469 -8.48 6.05 -13.44
N MET A 470 -7.40 5.82 -14.19
N MET A 470 -7.43 5.82 -14.23
CA MET A 470 -6.89 6.77 -15.19
CA MET A 470 -6.88 6.80 -15.19
C MET A 470 -6.55 8.14 -14.58
C MET A 470 -6.53 8.15 -14.58
N ASN A 471 -6.18 8.16 -13.31
CA ASN A 471 -6.03 9.41 -12.60
C ASN A 471 -4.59 9.82 -12.37
N GLU A 472 -3.74 9.49 -13.32
CA GLU A 472 -2.36 9.98 -13.27
C GLU A 472 -2.18 11.50 -13.40
N ALA A 473 -2.91 12.27 -14.25
CA ALA A 473 -4.03 11.86 -15.09
C ALA A 473 -3.58 11.34 -16.42
N SER A 474 -4.29 10.34 -16.93
CA SER A 474 -3.96 9.75 -18.22
C SER A 474 -4.55 10.61 -19.33
N ASN A 475 -3.81 10.80 -20.44
CA ASN A 475 -4.31 11.52 -21.62
C ASN A 475 -3.84 10.72 -22.80
N PHE A 476 -4.70 10.48 -23.78
CA PHE A 476 -4.31 9.68 -24.94
C PHE A 476 -3.56 10.49 -26.00
N ILE A 477 -3.52 11.81 -25.82
CA ILE A 477 -2.70 12.64 -26.67
C ILE A 477 -1.63 13.34 -25.82
N THR A 478 -0.57 13.79 -26.49
CA THR A 478 0.46 14.62 -25.84
C THR A 478 0.41 15.99 -26.50
N SER A 479 0.24 17.04 -25.71
CA SER A 479 0.16 18.39 -26.28
C SER A 479 1.53 18.91 -26.57
N ALA A 480 1.61 19.85 -27.50
CA ALA A 480 2.86 20.49 -27.84
C ALA A 480 3.33 21.33 -26.67
N PRO A 481 4.65 21.40 -26.45
CA PRO A 481 5.07 22.25 -25.32
C PRO A 481 4.86 23.73 -25.62
N THR A 482 4.59 24.49 -24.57
CA THR A 482 4.53 25.94 -24.70
C THR A 482 5.91 26.45 -25.02
N PRO A 483 6.03 27.22 -26.11
CA PRO A 483 7.34 27.71 -26.57
C PRO A 483 8.03 28.50 -25.45
N GLY A 484 9.31 28.18 -25.24
CA GLY A 484 10.10 28.88 -24.24
C GLY A 484 9.89 28.43 -22.82
N SER A 485 8.90 27.59 -22.53
CA SER A 485 8.66 27.23 -21.12
C SER A 485 9.64 26.19 -20.64
N THR A 486 10.36 26.46 -19.55
CA THR A 486 11.23 25.44 -18.99
C THR A 486 10.46 24.45 -18.15
N LEU A 487 9.13 24.64 -17.99
CA LEU A 487 8.35 23.62 -17.29
C LEU A 487 8.00 22.50 -18.29
N ASP A 488 7.62 22.87 -19.53
CA ASP A 488 7.27 21.83 -20.51
C ASP A 488 8.55 21.27 -21.10
N ASN A 489 9.66 22.03 -20.97
CA ASN A 489 10.99 21.60 -21.45
C ASN A 489 12.06 21.76 -20.36
N PRO A 490 12.04 20.88 -19.36
CA PRO A 490 12.89 21.10 -18.18
C PRO A 490 14.36 20.82 -18.49
N PRO A 491 15.26 21.50 -17.78
CA PRO A 491 16.68 21.39 -18.14
C PRO A 491 17.27 20.02 -17.80
N TYR A 492 16.71 19.35 -16.79
CA TYR A 492 17.11 17.98 -16.47
C TYR A 492 15.95 17.07 -16.80
N LYS A 493 16.19 16.07 -17.67
CA LYS A 493 15.12 15.16 -18.06
C LYS A 493 15.15 13.92 -17.19
N ILE A 494 14.08 13.69 -16.44
CA ILE A 494 14.01 12.43 -15.67
C ILE A 494 13.78 11.25 -16.61
N ASN A 495 14.01 10.02 -16.14
CA ASN A 495 14.00 8.85 -17.02
C ASN A 495 12.59 8.28 -17.22
N ASN A 496 11.67 9.17 -17.58
CA ASN A 496 10.26 8.81 -17.78
C ASN A 496 10.17 7.75 -18.88
N SER A 497 9.44 6.69 -18.59
N SER A 497 9.43 6.67 -18.61
CA SER A 497 9.21 5.56 -19.50
CA SER A 497 9.24 5.57 -19.56
C SER A 497 10.50 4.87 -19.92
C SER A 497 10.51 4.83 -19.91
N GLY A 498 11.54 5.04 -19.10
CA GLY A 498 12.81 4.40 -19.40
C GLY A 498 13.58 4.96 -20.58
N GLY A 499 13.17 6.11 -21.10
CA GLY A 499 13.78 6.66 -22.30
C GLY A 499 13.90 8.17 -22.30
N ARG A 500 14.01 8.77 -21.11
CA ARG A 500 14.06 10.22 -20.96
C ARG A 500 12.94 10.84 -21.77
N VAL A 501 11.75 10.25 -21.69
CA VAL A 501 10.60 10.75 -22.45
C VAL A 501 10.08 12.03 -21.79
N PRO A 502 9.72 13.06 -22.58
CA PRO A 502 9.26 14.31 -21.98
C PRO A 502 8.15 14.10 -20.96
N ILE A 503 8.17 14.88 -19.89
CA ILE A 503 7.23 14.64 -18.79
C ILE A 503 5.78 14.87 -19.23
N ASN A 504 5.56 15.64 -20.29
CA ASN A 504 4.17 15.88 -20.71
C ASN A 504 3.56 14.75 -21.51
N SER A 505 4.34 13.72 -21.78
CA SER A 505 3.85 12.63 -22.65
C SER A 505 2.62 11.95 -22.06
N LYS A 506 1.55 11.92 -22.84
CA LYS A 506 0.34 11.19 -22.45
C LYS A 506 -0.23 11.56 -21.09
N THR A 507 -0.15 12.85 -20.79
CA THR A 507 -0.70 13.37 -19.55
C THR A 507 -1.10 14.82 -19.72
N ILE A 508 -1.38 15.50 -18.61
CA ILE A 508 -1.71 16.93 -18.68
C ILE A 508 -0.38 17.70 -18.67
N PRO A 509 -0.19 18.67 -19.60
CA PRO A 509 1.09 19.37 -19.71
C PRO A 509 1.45 20.08 -18.41
N ALA A 510 2.75 20.17 -18.15
CA ALA A 510 3.29 20.84 -16.97
C ALA A 510 2.90 22.30 -16.83
N THR A 511 2.64 23.01 -17.93
CA THR A 511 2.21 24.40 -17.86
C THR A 511 0.71 24.59 -17.55
N ALA A 512 -0.08 23.52 -17.48
CA ALA A 512 -1.46 23.69 -17.02
C ALA A 512 -1.48 24.19 -15.58
N MET A 513 -2.58 24.83 -15.22
N MET A 513 -2.58 24.85 -15.22
CA MET A 513 -2.67 25.56 -13.96
CA MET A 513 -2.66 25.57 -13.96
C MET A 513 -3.78 25.03 -13.06
C MET A 513 -3.77 25.04 -13.05
N HIS A 514 -3.53 25.08 -11.75
CA HIS A 514 -4.52 24.67 -10.76
C HIS A 514 -4.83 25.81 -9.86
N TYR A 515 -5.89 25.66 -9.06
CA TYR A 515 -6.31 26.62 -8.06
C TYR A 515 -5.11 27.06 -7.22
N GLY A 516 -5.06 28.36 -6.91
CA GLY A 516 -3.92 28.91 -6.17
C GLY A 516 -2.70 29.22 -7.02
N ASN A 517 -2.88 29.33 -8.32
CA ASN A 517 -1.79 29.49 -9.30
C ASN A 517 -0.71 28.41 -9.17
N VAL A 518 -1.15 27.18 -8.97
CA VAL A 518 -0.21 26.06 -8.82
C VAL A 518 -0.03 25.39 -10.18
N THR A 519 1.20 25.04 -10.59
CA THR A 519 1.37 24.47 -11.90
C THR A 519 1.23 22.96 -11.83
N GLU A 520 0.80 22.36 -12.94
CA GLU A 520 0.81 20.90 -13.06
C GLU A 520 2.23 20.37 -12.89
N TYR A 521 3.24 21.16 -13.26
CA TYR A 521 4.63 20.71 -13.02
C TYR A 521 4.86 20.27 -11.57
N ASN A 522 4.40 21.09 -10.64
CA ASN A 522 4.54 20.79 -9.21
C ASN A 522 3.53 19.81 -8.66
N ALA A 523 2.30 19.87 -9.18
CA ALA A 523 1.17 19.13 -8.56
C ALA A 523 0.79 17.85 -9.27
N HIS A 524 1.46 17.51 -10.38
CA HIS A 524 1.14 16.33 -11.18
C HIS A 524 1.01 15.07 -10.33
N ASN A 525 2.02 14.81 -9.52
CA ASN A 525 2.04 13.55 -8.76
C ASN A 525 0.98 13.47 -7.68
N LEU A 526 0.29 14.57 -7.44
CA LEU A 526 -0.77 14.63 -6.41
C LEU A 526 -2.16 14.41 -7.00
N TYR A 527 -2.31 14.33 -8.33
CA TYR A 527 -3.67 14.39 -8.90
C TYR A 527 -4.51 13.20 -8.38
N GLY A 528 -3.94 11.99 -8.48
CA GLY A 528 -4.69 10.78 -8.10
C GLY A 528 -5.03 10.83 -6.61
N PHE A 529 -4.03 11.20 -5.81
CA PHE A 529 -4.19 11.41 -4.36
C PHE A 529 -5.31 12.39 -4.06
N LEU A 530 -5.35 13.52 -4.76
CA LEU A 530 -6.40 14.50 -4.50
C LEU A 530 -7.79 14.01 -4.93
N GLU A 531 -7.85 13.31 -6.05
CA GLU A 531 -9.12 12.74 -6.47
C GLU A 531 -9.55 11.70 -5.42
N SER A 532 -8.61 10.97 -4.84
CA SER A 532 -9.02 9.97 -3.82
C SER A 532 -9.59 10.66 -2.60
N GLN A 533 -8.96 11.74 -2.15
CA GLN A 533 -9.52 12.50 -1.04
C GLN A 533 -10.96 12.96 -1.35
N ALA A 534 -11.17 13.46 -2.57
CA ALA A 534 -12.48 14.01 -2.91
C ALA A 534 -13.53 12.91 -3.02
N THR A 535 -13.09 11.76 -3.51
CA THR A 535 -14.01 10.64 -3.75
C THR A 535 -14.40 10.03 -2.40
N ARG A 536 -13.44 9.93 -1.50
CA ARG A 536 -13.80 9.37 -0.20
C ARG A 536 -14.76 10.30 0.52
N GLU A 537 -14.52 11.61 0.39
CA GLU A 537 -15.42 12.59 0.97
C GLU A 537 -16.83 12.49 0.37
N ALA A 538 -16.93 12.31 -0.96
CA ALA A 538 -18.26 12.10 -1.58
C ALA A 538 -18.98 10.88 -0.99
N LEU A 539 -18.23 9.80 -0.74
CA LEU A 539 -18.85 8.57 -0.23
C LEU A 539 -19.31 8.76 1.21
N VAL A 540 -18.46 9.37 2.03
CA VAL A 540 -18.83 9.65 3.43
C VAL A 540 -20.02 10.60 3.54
N ARG A 541 -20.14 11.53 2.61
CA ARG A 541 -21.25 12.46 2.66
C ARG A 541 -22.57 11.85 2.19
N THR A 542 -22.50 10.66 1.58
CA THR A 542 -23.70 10.03 1.03
C THR A 542 -24.07 8.67 1.64
N SER A 543 -23.31 8.22 2.63
CA SER A 543 -23.63 7.02 3.38
C SER A 543 -22.90 7.07 4.68
N ASN A 544 -23.55 6.58 5.74
CA ASN A 544 -22.94 6.47 7.05
C ASN A 544 -22.06 5.24 7.21
N GLU A 545 -21.98 4.37 6.20
CA GLU A 545 -21.09 3.21 6.31
C GLU A 545 -19.64 3.59 6.07
N ARG A 546 -18.70 2.79 6.59
CA ARG A 546 -17.30 2.94 6.23
C ARG A 546 -17.15 2.75 4.73
N PRO A 547 -16.46 3.69 4.06
CA PRO A 547 -16.44 3.64 2.62
C PRO A 547 -15.38 2.70 2.08
N PHE A 548 -15.49 2.40 0.80
CA PHE A 548 -14.49 1.62 0.10
C PHE A 548 -14.17 2.30 -1.24
N LEU A 549 -12.87 2.50 -1.44
N LEU A 549 -12.91 2.63 -1.47
CA LEU A 549 -12.31 3.17 -2.61
CA LEU A 549 -12.56 2.98 -2.85
C LEU A 549 -11.09 2.39 -3.16
C LEU A 549 -11.22 2.37 -3.18
N LEU A 550 -10.99 2.26 -4.49
CA LEU A 550 -9.76 1.67 -5.05
C LEU A 550 -9.23 2.68 -6.03
N SER A 551 -7.93 3.03 -5.98
CA SER A 551 -7.42 4.07 -6.87
C SER A 551 -6.20 3.53 -7.62
N ARG A 552 -6.06 3.94 -8.88
CA ARG A 552 -4.87 3.56 -9.65
C ARG A 552 -3.66 4.44 -9.28
N SER A 553 -3.75 5.74 -9.53
CA SER A 553 -2.58 6.58 -9.24
C SER A 553 -2.59 6.97 -7.78
N THR A 554 -1.39 7.02 -7.20
CA THR A 554 -1.26 7.29 -5.77
C THR A 554 -0.02 8.17 -5.52
N PHE A 555 0.04 8.75 -4.32
CA PHE A 555 1.24 9.41 -3.80
C PHE A 555 1.36 9.03 -2.34
N ALA A 556 2.53 9.23 -1.72
CA ALA A 556 2.67 9.02 -0.27
C ALA A 556 1.56 9.73 0.51
N GLY A 557 0.84 8.96 1.35
CA GLY A 557 -0.35 9.48 2.05
C GLY A 557 -1.64 8.93 1.45
N SER A 558 -1.61 8.37 0.24
CA SER A 558 -2.86 7.89 -0.40
C SER A 558 -3.52 6.80 0.43
N GLY A 559 -2.72 6.06 1.18
CA GLY A 559 -3.29 4.95 1.96
C GLY A 559 -4.27 5.38 3.02
N LYS A 560 -4.21 6.64 3.43
CA LYS A 560 -5.21 7.17 4.38
C LYS A 560 -6.60 7.26 3.76
N TYR A 561 -6.67 7.14 2.44
CA TYR A 561 -7.95 7.36 1.73
C TYR A 561 -8.45 6.19 0.90
N THR A 562 -7.53 5.33 0.45
CA THR A 562 -7.88 4.39 -0.62
C THR A 562 -7.08 3.10 -0.60
N ALA A 563 -7.67 2.06 -1.17
CA ALA A 563 -6.92 0.85 -1.59
C ALA A 563 -6.27 1.08 -2.94
N HIS A 564 -5.37 0.19 -3.34
CA HIS A 564 -4.71 0.27 -4.64
C HIS A 564 -4.63 -1.13 -5.21
N TRP A 565 -4.51 -1.26 -6.54
CA TRP A 565 -4.16 -2.57 -7.10
C TRP A 565 -3.01 -2.34 -8.03
N THR A 566 -2.33 -3.39 -8.47
CA THR A 566 -1.07 -3.17 -9.21
C THR A 566 -1.27 -2.71 -10.65
N GLY A 567 -2.50 -2.63 -11.11
CA GLY A 567 -2.75 -1.96 -12.39
C GLY A 567 -2.78 -2.95 -13.55
N ASP A 568 -2.33 -2.53 -14.74
CA ASP A 568 -2.43 -3.41 -15.91
C ASP A 568 -1.28 -4.35 -15.91
N ASN A 569 -1.42 -5.45 -15.14
CA ASN A 569 -0.45 -6.55 -15.25
C ASN A 569 -0.85 -7.43 -16.43
N ALA A 570 -0.13 -8.55 -16.61
CA ALA A 570 -0.40 -9.47 -17.70
C ALA A 570 -0.54 -10.91 -17.19
N ALA A 571 -1.24 -11.73 -17.98
CA ALA A 571 -1.41 -13.14 -17.68
C ALA A 571 -0.11 -13.83 -18.09
N ARG A 572 0.93 -13.61 -17.27
CA ARG A 572 2.25 -14.19 -17.48
C ARG A 572 2.75 -14.73 -16.16
N TRP A 573 3.55 -15.79 -16.24
CA TRP A 573 4.12 -16.34 -15.02
C TRP A 573 5.00 -15.29 -14.31
N ASP A 574 5.74 -14.51 -15.06
CA ASP A 574 6.52 -13.41 -14.42
C ASP A 574 5.67 -12.53 -13.57
N ASP A 575 4.50 -12.14 -14.09
CA ASP A 575 3.66 -11.18 -13.36
C ASP A 575 3.03 -11.77 -12.10
N LEU A 576 2.82 -13.08 -12.13
CA LEU A 576 2.32 -13.80 -10.96
C LEU A 576 3.31 -13.53 -9.82
N GLN A 577 4.61 -13.70 -10.11
CA GLN A 577 5.60 -13.43 -9.07
C GLN A 577 5.77 -11.94 -8.77
N TYR A 578 5.72 -11.08 -9.80
CA TYR A 578 5.89 -9.64 -9.56
C TYR A 578 4.89 -9.13 -8.56
N SER A 579 3.72 -9.78 -8.46
CA SER A 579 2.67 -9.29 -7.56
C SER A 579 3.13 -9.31 -6.10
N ILE A 580 4.12 -10.15 -5.79
CA ILE A 580 4.55 -10.25 -4.39
C ILE A 580 5.41 -9.05 -3.97
N PRO A 581 6.51 -8.73 -4.69
CA PRO A 581 7.24 -7.52 -4.26
C PRO A 581 6.33 -6.31 -4.29
N THR A 582 5.43 -6.20 -5.27
CA THR A 582 4.61 -4.96 -5.28
C THR A 582 3.69 -4.91 -4.06
N MET A 583 3.10 -6.05 -3.72
CA MET A 583 2.23 -6.12 -2.51
C MET A 583 3.02 -5.71 -1.28
N LEU A 584 4.24 -6.21 -1.17
CA LEU A 584 5.10 -5.88 0.01
C LEU A 584 5.46 -4.39 -0.01
N ASN A 585 5.77 -3.85 -1.20
CA ASN A 585 6.13 -2.44 -1.29
C ASN A 585 4.99 -1.56 -0.84
N PHE A 586 3.76 -1.86 -1.27
CA PHE A 586 2.65 -0.98 -0.87
C PHE A 586 2.35 -1.02 0.61
N GLY A 587 2.65 -2.14 1.27
CA GLY A 587 2.67 -2.13 2.74
C GLY A 587 3.63 -1.09 3.32
N LEU A 588 4.86 -1.04 2.81
CA LEU A 588 5.82 -0.03 3.27
C LEU A 588 5.33 1.39 2.97
N PHE A 589 4.56 1.56 1.89
CA PHE A 589 4.07 2.87 1.49
C PHE A 589 2.84 3.29 2.28
N GLY A 590 2.44 2.49 3.25
CA GLY A 590 1.28 2.83 4.07
C GLY A 590 -0.03 2.55 3.38
N MET A 591 -0.01 1.70 2.35
CA MET A 591 -1.21 1.30 1.61
C MET A 591 -1.40 -0.23 1.66
N PRO A 592 -1.80 -0.72 2.84
CA PRO A 592 -1.85 -2.16 3.00
C PRO A 592 -2.99 -2.86 2.27
N MET A 593 -3.98 -2.13 1.78
N MET A 593 -4.00 -2.13 1.79
CA MET A 593 -5.08 -2.81 1.08
CA MET A 593 -5.07 -2.81 1.05
C MET A 593 -4.67 -2.85 -0.38
C MET A 593 -4.66 -2.85 -0.39
N ILE A 594 -3.97 -3.93 -0.77
CA ILE A 594 -3.28 -3.99 -2.08
C ILE A 594 -3.53 -5.39 -2.65
N GLY A 595 -3.56 -5.49 -3.97
CA GLY A 595 -3.62 -6.80 -4.63
C GLY A 595 -3.34 -6.59 -6.10
N ALA A 596 -3.29 -7.69 -6.86
CA ALA A 596 -3.11 -7.63 -8.30
C ALA A 596 -4.27 -8.31 -8.96
N ASP A 597 -4.51 -7.98 -10.22
CA ASP A 597 -5.60 -8.62 -10.95
C ASP A 597 -5.34 -10.14 -11.13
N ILE A 598 -6.17 -10.96 -10.49
CA ILE A 598 -5.94 -12.40 -10.44
C ILE A 598 -6.18 -12.99 -11.81
N CYS A 599 -5.21 -13.80 -12.24
CA CYS A 599 -5.15 -14.46 -13.56
C CYS A 599 -4.57 -13.54 -14.63
N GLY A 600 -4.39 -12.26 -14.31
CA GLY A 600 -3.69 -11.31 -15.19
C GLY A 600 -4.66 -10.48 -15.99
N PHE A 601 -4.40 -9.16 -16.08
CA PHE A 601 -5.28 -8.24 -16.80
C PHE A 601 -5.11 -8.40 -18.30
N ALA A 602 -3.90 -8.12 -18.80
CA ALA A 602 -3.67 -8.16 -20.24
C ALA A 602 -3.27 -9.56 -20.68
N GLU A 603 -3.65 -9.92 -21.91
CA GLU A 603 -3.33 -11.20 -22.56
C GLU A 603 -4.21 -12.34 -22.04
N SER A 604 -4.39 -13.39 -22.82
CA SER A 604 -5.28 -14.45 -22.33
C SER A 604 -4.56 -15.36 -21.37
N THR A 605 -5.22 -15.71 -20.27
CA THR A 605 -4.61 -16.54 -19.23
C THR A 605 -4.67 -18.02 -19.66
N THR A 606 -4.04 -18.91 -18.90
CA THR A 606 -4.18 -20.34 -19.16
C THR A 606 -4.80 -20.99 -17.94
N GLU A 607 -5.31 -22.22 -18.11
CA GLU A 607 -5.88 -22.92 -16.97
C GLU A 607 -4.87 -23.04 -15.82
N GLU A 608 -3.65 -23.43 -16.15
CA GLU A 608 -2.65 -23.62 -15.10
C GLU A 608 -2.25 -22.33 -14.42
N LEU A 609 -2.04 -21.27 -15.21
CA LEU A 609 -1.67 -20.00 -14.59
C LEU A 609 -2.78 -19.47 -13.71
N CYS A 610 -4.02 -19.61 -14.18
CA CYS A 610 -5.17 -19.13 -13.40
C CYS A 610 -5.33 -19.91 -12.11
N ARG A 611 -5.15 -21.23 -12.20
N ARG A 611 -5.16 -21.23 -12.19
CA ARG A 611 -5.17 -22.07 -11.00
CA ARG A 611 -5.19 -22.06 -10.99
C ARG A 611 -4.13 -21.66 -9.97
C ARG A 611 -4.12 -21.66 -9.95
N ARG A 612 -2.87 -21.49 -10.39
CA ARG A 612 -1.84 -21.04 -9.48
C ARG A 612 -2.09 -19.60 -9.01
N TRP A 613 -2.73 -18.77 -9.85
CA TRP A 613 -2.92 -17.38 -9.46
C TRP A 613 -4.05 -17.27 -8.46
N ILE A 614 -5.15 -18.02 -8.60
CA ILE A 614 -6.18 -17.90 -7.53
C ILE A 614 -5.61 -18.47 -6.24
N GLN A 615 -4.78 -19.48 -6.34
CA GLN A 615 -4.16 -19.98 -5.09
C GLN A 615 -3.38 -18.90 -4.35
N LEU A 616 -2.60 -18.08 -5.06
CA LEU A 616 -1.81 -17.02 -4.42
C LEU A 616 -2.74 -15.84 -4.07
N GLY A 617 -3.61 -15.48 -5.00
CA GLY A 617 -4.40 -14.25 -4.90
C GLY A 617 -5.51 -14.33 -3.86
N ALA A 618 -5.92 -15.54 -3.50
CA ALA A 618 -6.83 -15.71 -2.37
C ALA A 618 -6.23 -15.20 -1.04
N PHE A 619 -4.96 -14.85 -1.03
CA PHE A 619 -4.28 -14.34 0.20
C PHE A 619 -3.90 -12.89 0.09
N TYR A 620 -4.14 -12.25 -1.06
CA TYR A 620 -3.84 -10.81 -1.13
C TYR A 620 -4.80 -10.09 -0.21
N PRO A 621 -4.36 -8.99 0.41
CA PRO A 621 -5.34 -8.23 1.18
C PRO A 621 -6.57 -7.83 0.35
N PHE A 622 -6.37 -7.41 -0.90
CA PHE A 622 -7.50 -7.09 -1.79
C PHE A 622 -7.46 -8.14 -2.90
N SER A 623 -8.51 -8.95 -2.98
CA SER A 623 -8.55 -10.15 -3.85
C SER A 623 -9.65 -10.02 -4.95
N ARG A 624 -9.22 -9.75 -6.18
CA ARG A 624 -10.13 -9.45 -7.28
C ARG A 624 -9.62 -10.10 -8.56
N ASP A 625 -10.52 -10.77 -9.28
CA ASP A 625 -10.26 -11.29 -10.62
C ASP A 625 -10.73 -10.18 -11.56
N HIS A 626 -9.84 -9.69 -12.42
CA HIS A 626 -10.22 -8.70 -13.44
C HIS A 626 -9.43 -8.97 -14.71
N SER A 627 -9.97 -8.54 -15.84
N SER A 627 -9.96 -8.56 -15.85
CA SER A 627 -9.35 -8.90 -17.11
CA SER A 627 -9.27 -8.87 -17.09
C SER A 627 -9.65 -7.85 -18.17
C SER A 627 -9.65 -7.87 -18.17
N ALA A 628 -8.79 -7.77 -19.18
CA ALA A 628 -8.99 -6.85 -20.30
C ALA A 628 -10.04 -7.40 -21.27
N ARG A 629 -10.60 -6.54 -22.12
CA ARG A 629 -11.66 -7.00 -23.04
C ARG A 629 -11.18 -7.85 -24.20
N ASP A 630 -9.91 -7.78 -24.57
CA ASP A 630 -9.62 -8.56 -25.79
C ASP A 630 -9.10 -9.96 -25.47
N THR A 631 -9.43 -10.50 -24.30
CA THR A 631 -8.80 -11.75 -23.88
C THR A 631 -9.87 -12.77 -23.59
N THR A 632 -9.45 -14.02 -23.41
CA THR A 632 -10.40 -15.07 -23.04
C THR A 632 -10.99 -14.74 -21.66
N HIS A 633 -12.20 -15.22 -21.38
CA HIS A 633 -12.80 -14.97 -20.05
C HIS A 633 -12.10 -15.80 -19.00
N GLN A 634 -12.13 -15.32 -17.76
CA GLN A 634 -11.36 -15.96 -16.71
C GLN A 634 -12.07 -15.96 -15.36
N GLU A 635 -13.40 -15.99 -15.39
CA GLU A 635 -14.12 -16.17 -14.12
C GLU A 635 -13.72 -17.53 -13.54
N LEU A 636 -13.68 -17.65 -12.22
CA LEU A 636 -13.09 -18.82 -11.61
C LEU A 636 -13.87 -20.09 -11.84
N TYR A 637 -15.14 -19.99 -12.23
CA TYR A 637 -15.95 -21.17 -12.47
C TYR A 637 -15.73 -21.83 -13.86
N LEU A 638 -14.93 -21.23 -14.73
CA LEU A 638 -14.87 -21.70 -16.12
C LEU A 638 -14.11 -23.00 -16.31
N TRP A 639 -13.10 -23.25 -15.48
CA TRP A 639 -12.37 -24.50 -15.58
C TRP A 639 -12.58 -25.25 -14.28
N GLU A 640 -12.86 -26.54 -14.34
CA GLU A 640 -13.09 -27.26 -13.11
C GLU A 640 -11.90 -27.25 -12.14
N SER A 641 -10.67 -27.33 -12.65
CA SER A 641 -9.54 -27.38 -11.73
C SER A 641 -9.33 -26.02 -11.07
N VAL A 642 -9.65 -24.96 -11.79
CA VAL A 642 -9.55 -23.62 -11.20
C VAL A 642 -10.63 -23.44 -10.10
N ALA A 643 -11.85 -23.85 -10.42
CA ALA A 643 -12.97 -23.75 -9.49
C ALA A 643 -12.69 -24.54 -8.21
N ALA A 644 -12.16 -25.75 -8.37
CA ALA A 644 -11.86 -26.62 -7.21
C ALA A 644 -10.80 -25.99 -6.36
N SER A 645 -9.75 -25.44 -6.97
CA SER A 645 -8.75 -24.72 -6.18
C SER A 645 -9.30 -23.48 -5.49
N ALA A 646 -10.11 -22.71 -6.21
CA ALA A 646 -10.73 -21.50 -5.66
C ALA A 646 -11.57 -21.87 -4.44
N ARG A 647 -12.32 -22.96 -4.51
CA ARG A 647 -13.17 -23.30 -3.35
C ARG A 647 -12.28 -23.59 -2.15
N THR A 648 -11.15 -24.25 -2.40
CA THR A 648 -10.23 -24.58 -1.29
C THR A 648 -9.60 -23.35 -0.68
N VAL A 649 -9.02 -22.50 -1.54
CA VAL A 649 -8.27 -21.36 -1.01
C VAL A 649 -9.17 -20.23 -0.55
N LEU A 650 -10.29 -19.99 -1.25
CA LEU A 650 -11.22 -18.95 -0.74
C LEU A 650 -11.86 -19.45 0.52
N GLY A 651 -11.98 -20.77 0.66
CA GLY A 651 -12.47 -21.34 1.90
C GLY A 651 -11.57 -20.93 3.07
N LEU A 652 -10.26 -21.15 2.93
CA LEU A 652 -9.34 -20.72 3.98
C LEU A 652 -9.33 -19.20 4.19
N ARG A 653 -9.27 -18.43 3.09
CA ARG A 653 -9.34 -16.95 3.25
C ARG A 653 -10.56 -16.56 4.07
N TYR A 654 -11.71 -17.16 3.79
CA TYR A 654 -12.92 -16.75 4.49
C TYR A 654 -12.83 -17.17 5.97
N GLN A 655 -12.29 -18.36 6.26
CA GLN A 655 -12.09 -18.71 7.66
C GLN A 655 -11.17 -17.70 8.34
N LEU A 656 -10.23 -17.14 7.58
CA LEU A 656 -9.29 -16.15 8.11
C LEU A 656 -9.84 -14.71 8.07
N LEU A 657 -11.10 -14.50 7.67
CA LEU A 657 -11.65 -13.12 7.68
C LEU A 657 -11.47 -12.35 9.01
N PRO A 658 -11.76 -12.97 10.15
CA PRO A 658 -11.54 -12.21 11.39
C PRO A 658 -10.09 -11.82 11.61
N TYR A 659 -9.18 -12.61 11.06
CA TYR A 659 -7.76 -12.37 11.19
C TYR A 659 -7.38 -11.24 10.25
N TYR A 660 -7.78 -11.29 8.98
CA TYR A 660 -7.50 -10.16 8.08
C TYR A 660 -8.06 -8.88 8.68
N TYR A 661 -9.27 -8.96 9.26
CA TYR A 661 -9.90 -7.74 9.73
C TYR A 661 -9.15 -7.21 10.93
N THR A 662 -8.64 -8.10 11.77
CA THR A 662 -7.83 -7.65 12.92
C THR A 662 -6.54 -7.00 12.45
N LEU A 663 -5.95 -7.55 11.40
CA LEU A 663 -4.72 -6.99 10.85
C LEU A 663 -4.99 -5.61 10.23
N MET A 664 -6.17 -5.42 9.62
CA MET A 664 -6.56 -4.11 9.12
C MET A 664 -6.65 -3.10 10.29
N TYR A 665 -7.21 -3.52 11.42
CA TYR A 665 -7.30 -2.69 12.61
C TYR A 665 -5.88 -2.33 13.08
N ASP A 666 -4.98 -3.30 13.10
CA ASP A 666 -3.57 -3.06 13.49
C ASP A 666 -2.88 -2.07 12.53
N ALA A 667 -3.18 -2.20 11.23
CA ALA A 667 -2.58 -1.30 10.24
C ALA A 667 -3.08 0.11 10.42
N ASN A 668 -4.36 0.26 10.76
CA ASN A 668 -4.86 1.60 10.96
C ASN A 668 -4.30 2.20 12.23
N LEU A 669 -4.00 1.36 13.23
CA LEU A 669 -3.51 1.89 14.49
C LEU A 669 -2.02 2.25 14.42
N ARG A 670 -1.23 1.39 13.78
CA ARG A 670 0.25 1.54 13.82
C ARG A 670 0.96 1.47 12.48
N GLY A 671 0.23 1.36 11.38
CA GLY A 671 0.85 1.34 10.06
C GLY A 671 1.43 -0.01 9.65
N ILE A 672 1.28 -1.03 10.50
CA ILE A 672 1.92 -2.32 10.20
C ILE A 672 1.12 -3.01 9.08
N PRO A 673 1.78 -3.42 7.96
CA PRO A 673 1.01 -3.97 6.82
C PRO A 673 0.35 -5.33 7.13
N ILE A 674 -0.70 -5.65 6.37
CA ILE A 674 -1.38 -6.95 6.52
C ILE A 674 -0.49 -8.04 5.90
N ALA A 675 -0.12 -7.83 4.64
CA ALA A 675 0.85 -8.71 4.00
C ALA A 675 2.25 -8.14 4.21
N ARG A 676 3.12 -8.89 4.89
CA ARG A 676 4.39 -8.30 5.31
C ARG A 676 5.56 -9.17 4.95
N PRO A 677 6.74 -8.57 4.87
CA PRO A 677 7.92 -9.33 4.51
C PRO A 677 8.27 -10.24 5.69
N LEU A 678 8.96 -11.34 5.40
CA LEU A 678 9.36 -12.26 6.47
C LEU A 678 10.20 -11.52 7.50
N PHE A 679 11.00 -10.56 7.05
CA PHE A 679 11.89 -9.88 7.99
C PHE A 679 11.17 -8.92 8.94
N PHE A 680 9.87 -8.68 8.74
CA PHE A 680 9.13 -7.96 9.79
C PHE A 680 8.98 -8.77 11.04
N THR A 681 8.76 -10.08 10.91
CA THR A 681 8.71 -10.98 12.06
C THR A 681 10.08 -11.51 12.50
N PHE A 682 10.98 -11.67 11.53
CA PHE A 682 12.30 -12.23 11.75
C PHE A 682 13.42 -11.29 11.33
N PRO A 683 13.49 -10.12 11.96
CA PRO A 683 14.47 -9.13 11.47
C PRO A 683 15.91 -9.54 11.80
N ASP A 684 16.12 -10.48 12.73
N ASP A 684 16.11 -10.49 12.71
CA ASP A 684 17.49 -10.89 13.03
CA ASP A 684 17.47 -10.91 13.04
C ASP A 684 17.97 -12.02 12.11
C ASP A 684 17.98 -11.99 12.10
N ASP A 685 17.13 -12.37 11.15
CA ASP A 685 17.48 -13.45 10.19
C ASP A 685 17.78 -12.86 8.82
N VAL A 686 19.06 -12.67 8.53
CA VAL A 686 19.46 -11.97 7.30
C VAL A 686 19.07 -12.76 6.07
N ALA A 687 18.83 -14.06 6.23
CA ALA A 687 18.39 -14.87 5.08
C ALA A 687 17.04 -14.45 4.57
N THR A 688 16.28 -13.74 5.40
CA THR A 688 14.96 -13.31 4.94
C THR A 688 15.01 -12.00 4.14
N TYR A 689 16.13 -11.29 4.18
CA TYR A 689 16.10 -9.94 3.61
C TYR A 689 15.87 -9.98 2.11
N GLY A 690 16.41 -11.00 1.47
CA GLY A 690 16.28 -11.10 0.02
C GLY A 690 15.14 -11.99 -0.49
N ILE A 691 14.26 -12.44 0.39
N ILE A 691 14.23 -12.39 0.37
CA ILE A 691 13.11 -13.23 -0.05
CA ILE A 691 13.13 -13.24 -0.07
C ILE A 691 12.14 -12.35 -0.84
C ILE A 691 12.05 -12.42 -0.78
N SER A 692 11.74 -12.80 -2.03
CA SER A 692 10.77 -12.04 -2.83
C SER A 692 9.61 -12.90 -3.27
N SER A 693 9.59 -14.18 -2.90
CA SER A 693 8.55 -15.08 -3.43
C SER A 693 7.76 -15.79 -2.33
N GLN A 694 7.88 -15.28 -1.10
CA GLN A 694 7.07 -15.75 0.04
C GLN A 694 6.71 -14.48 0.82
N PHE A 695 5.67 -14.55 1.63
CA PHE A 695 5.30 -13.38 2.45
C PHE A 695 4.52 -13.87 3.64
N LEU A 696 4.35 -12.99 4.64
CA LEU A 696 3.53 -13.32 5.82
C LEU A 696 2.19 -12.63 5.71
N ILE A 697 1.14 -13.26 6.23
CA ILE A 697 -0.09 -12.52 6.54
C ILE A 697 -0.12 -12.38 8.05
N GLY A 698 0.03 -11.14 8.53
CA GLY A 698 0.17 -10.93 9.97
C GLY A 698 1.50 -11.46 10.46
N ARG A 699 1.59 -11.77 11.74
N ARG A 699 1.58 -11.77 11.75
CA ARG A 699 2.89 -12.08 12.34
CA ARG A 699 2.88 -12.09 12.36
C ARG A 699 3.44 -13.44 11.94
C ARG A 699 3.45 -13.44 11.94
N GLY A 700 2.58 -14.45 11.97
CA GLY A 700 3.05 -15.82 11.96
C GLY A 700 2.51 -16.77 10.93
N ILE A 701 1.81 -16.26 9.90
CA ILE A 701 1.32 -17.15 8.84
C ILE A 701 2.08 -16.82 7.57
N MET A 702 2.65 -17.84 6.92
CA MET A 702 3.51 -17.63 5.74
C MET A 702 2.91 -18.36 4.55
N VAL A 703 2.84 -17.67 3.41
CA VAL A 703 2.32 -18.26 2.16
C VAL A 703 3.52 -18.47 1.24
N SER A 704 3.62 -19.66 0.64
CA SER A 704 4.79 -20.04 -0.15
C SER A 704 4.29 -20.58 -1.45
N PRO A 705 3.95 -19.68 -2.39
CA PRO A 705 3.28 -20.11 -3.62
C PRO A 705 4.20 -20.79 -4.63
N VAL A 706 3.61 -21.66 -5.45
CA VAL A 706 4.28 -22.12 -6.69
C VAL A 706 4.18 -21.02 -7.74
N LEU A 707 5.30 -20.72 -8.39
CA LEU A 707 5.36 -19.62 -9.32
C LEU A 707 5.89 -20.01 -10.68
N GLN A 708 5.94 -21.31 -10.98
CA GLN A 708 6.52 -21.78 -12.26
C GLN A 708 5.56 -22.78 -12.85
N PRO A 709 5.44 -22.79 -14.18
CA PRO A 709 4.56 -23.76 -14.80
C PRO A 709 5.12 -25.17 -14.63
N GLY A 710 4.24 -26.14 -14.46
CA GLY A 710 4.66 -27.54 -14.41
C GLY A 710 5.23 -28.01 -13.08
N ALA A 711 5.34 -27.10 -12.11
CA ALA A 711 5.95 -27.47 -10.84
C ALA A 711 4.93 -28.17 -9.94
N VAL A 712 5.36 -29.20 -9.23
CA VAL A 712 4.52 -29.77 -8.18
C VAL A 712 5.26 -29.77 -6.84
N SER A 713 6.21 -28.86 -6.70
CA SER A 713 6.90 -28.62 -5.43
C SER A 713 7.43 -27.22 -5.48
N VAL A 714 7.78 -26.68 -4.32
CA VAL A 714 8.40 -25.36 -4.30
C VAL A 714 9.45 -25.34 -3.20
N ASN A 715 10.61 -24.80 -3.52
CA ASN A 715 11.69 -24.68 -2.53
C ASN A 715 11.51 -23.41 -1.75
N ALA A 716 11.09 -23.53 -0.49
CA ALA A 716 10.63 -22.38 0.27
C ALA A 716 11.51 -22.22 1.50
N TYR A 717 11.84 -20.98 1.85
CA TYR A 717 12.61 -20.73 3.07
C TYR A 717 11.74 -20.78 4.31
N PHE A 718 12.23 -21.48 5.33
CA PHE A 718 11.56 -21.50 6.63
C PHE A 718 12.49 -20.96 7.70
N PRO A 719 12.08 -19.87 8.37
CA PRO A 719 12.81 -19.39 9.55
C PRO A 719 12.77 -20.45 10.66
N ARG A 720 13.72 -20.37 11.59
CA ARG A 720 13.84 -21.30 12.70
C ARG A 720 12.52 -21.62 13.38
N GLY A 721 12.28 -22.91 13.59
CA GLY A 721 11.19 -23.35 14.44
C GLY A 721 10.23 -24.32 13.78
N ASN A 722 9.04 -24.42 14.35
CA ASN A 722 8.07 -25.40 13.87
C ASN A 722 6.94 -24.68 13.20
N TRP A 723 6.55 -25.17 12.02
CA TRP A 723 5.52 -24.57 11.20
C TRP A 723 4.48 -25.62 10.81
N PHE A 724 3.20 -25.25 10.82
CA PHE A 724 2.13 -26.23 10.64
C PHE A 724 1.26 -25.80 9.48
N SER A 725 0.93 -26.72 8.57
CA SER A 725 0.06 -26.38 7.44
C SER A 725 -1.36 -26.01 7.91
N LEU A 726 -1.86 -24.88 7.42
CA LEU A 726 -3.24 -24.50 7.77
C LEU A 726 -4.25 -25.33 7.02
N PHE A 727 -3.81 -26.08 6.00
CA PHE A 727 -4.74 -26.98 5.29
C PHE A 727 -4.75 -28.41 5.84
N ASN A 728 -3.77 -28.76 6.65
CA ASN A 728 -3.73 -30.12 7.22
C ASN A 728 -2.81 -30.03 8.41
N TYR A 729 -3.36 -29.97 9.62
CA TYR A 729 -2.54 -29.64 10.80
C TYR A 729 -1.54 -30.72 11.11
N THR A 730 -1.73 -31.93 10.56
CA THR A 730 -0.76 -33.03 10.78
C THR A 730 0.52 -32.86 9.95
N SER A 731 0.48 -31.96 8.97
N SER A 731 0.48 -31.96 8.97
CA SER A 731 1.65 -31.72 8.14
CA SER A 731 1.63 -31.70 8.10
C SER A 731 2.41 -30.55 8.73
C SER A 731 2.43 -30.52 8.67
N SER A 732 3.70 -30.76 8.97
CA SER A 732 4.52 -29.73 9.60
C SER A 732 5.93 -29.73 9.03
N VAL A 733 6.63 -28.61 9.28
CA VAL A 733 8.04 -28.42 8.92
C VAL A 733 8.75 -27.99 10.19
N SER A 734 9.88 -28.62 10.50
CA SER A 734 10.65 -28.21 11.65
C SER A 734 12.08 -28.00 11.22
N VAL A 735 12.61 -26.82 11.48
CA VAL A 735 14.01 -26.53 11.15
C VAL A 735 14.71 -25.90 12.33
N SER A 736 16.01 -26.11 12.43
N SER A 736 16.02 -26.09 12.41
CA SER A 736 16.81 -25.38 13.41
CA SER A 736 16.82 -25.38 13.38
C SER A 736 17.26 -24.08 12.77
C SER A 736 17.25 -24.09 12.75
N ALA A 737 18.49 -24.01 12.27
CA ALA A 737 18.87 -22.81 11.51
C ALA A 737 17.89 -22.72 10.33
N GLY A 738 17.42 -21.52 10.03
CA GLY A 738 16.46 -21.35 8.96
C GLY A 738 17.04 -21.94 7.69
N THR A 739 16.20 -22.61 6.90
CA THR A 739 16.71 -23.22 5.68
C THR A 739 15.59 -23.46 4.70
N TYR A 740 15.98 -23.86 3.50
CA TYR A 740 15.03 -24.15 2.44
C TYR A 740 14.50 -25.57 2.56
N VAL A 741 13.19 -25.71 2.35
CA VAL A 741 12.52 -26.99 2.41
C VAL A 741 11.80 -27.18 1.09
N SER A 742 11.89 -28.37 0.51
CA SER A 742 11.21 -28.62 -0.78
C SER A 742 9.77 -29.09 -0.52
N LEU A 743 8.82 -28.16 -0.45
CA LEU A 743 7.43 -28.46 -0.07
C LEU A 743 6.71 -29.14 -1.22
N SER A 744 5.96 -30.20 -0.94
CA SER A 744 5.07 -30.75 -1.94
C SER A 744 4.00 -29.72 -2.28
N ALA A 745 3.71 -29.55 -3.57
CA ALA A 745 2.70 -28.59 -3.98
C ALA A 745 1.99 -29.11 -5.24
N PRO A 746 1.11 -30.08 -5.06
CA PRO A 746 0.41 -30.64 -6.22
C PRO A 746 -0.42 -29.54 -6.89
N PRO A 747 -0.88 -29.81 -8.12
CA PRO A 747 -1.60 -28.78 -8.88
C PRO A 747 -2.73 -28.13 -8.09
N ASP A 748 -3.37 -28.85 -7.19
CA ASP A 748 -4.54 -28.28 -6.49
C ASP A 748 -4.24 -27.63 -5.13
N HIS A 749 -2.97 -27.44 -4.80
CA HIS A 749 -2.58 -27.04 -3.44
C HIS A 749 -1.64 -25.87 -3.44
N ILE A 750 -1.81 -24.99 -2.46
CA ILE A 750 -0.78 -24.00 -2.15
C ILE A 750 -0.37 -24.16 -0.69
N ASN A 751 0.91 -23.92 -0.40
CA ASN A 751 1.40 -24.04 0.96
C ASN A 751 1.17 -22.80 1.78
N VAL A 752 0.49 -22.98 2.93
CA VAL A 752 0.26 -21.86 3.86
C VAL A 752 0.50 -22.46 5.25
N HIS A 753 1.45 -21.89 6.01
CA HIS A 753 1.87 -22.46 7.31
C HIS A 753 1.81 -21.45 8.41
N ILE A 754 1.53 -21.94 9.63
CA ILE A 754 1.53 -21.05 10.80
C ILE A 754 2.69 -21.44 11.72
N HIS A 755 3.41 -20.46 12.24
CA HIS A 755 4.57 -20.69 13.10
C HIS A 755 4.18 -20.83 14.57
N GLU A 756 4.94 -21.65 15.30
CA GLU A 756 4.75 -21.75 16.75
C GLU A 756 4.78 -20.37 17.42
N GLY A 757 4.02 -20.24 18.52
CA GLY A 757 3.99 -19.02 19.28
C GLY A 757 2.84 -18.10 18.96
N ASN A 758 1.94 -18.56 18.09
CA ASN A 758 0.85 -17.73 17.60
C ASN A 758 -0.49 -18.35 17.83
N ILE A 759 -1.50 -17.51 18.05
CA ILE A 759 -2.88 -17.95 18.22
C ILE A 759 -3.70 -17.15 17.23
N VAL A 760 -4.53 -17.83 16.46
CA VAL A 760 -5.36 -17.16 15.47
C VAL A 760 -6.78 -17.58 15.65
N ALA A 761 -7.70 -16.62 15.74
CA ALA A 761 -9.10 -16.96 15.84
C ALA A 761 -9.71 -16.98 14.41
N MET A 762 -10.44 -18.06 14.12
N MET A 762 -10.39 -18.06 14.04
CA MET A 762 -10.99 -18.39 12.80
CA MET A 762 -10.98 -18.16 12.71
C MET A 762 -12.52 -18.35 12.88
C MET A 762 -12.48 -18.37 12.84
N GLN A 763 -13.21 -18.05 11.79
CA GLN A 763 -14.64 -18.36 11.75
C GLN A 763 -14.87 -19.34 10.61
N GLY A 764 -16.13 -19.62 10.32
CA GLY A 764 -16.43 -20.65 9.34
C GLY A 764 -16.45 -20.13 7.92
N GLU A 765 -16.36 -21.06 6.97
CA GLU A 765 -16.63 -20.75 5.57
C GLU A 765 -18.06 -20.37 5.35
N ALA A 766 -18.30 -19.58 4.31
CA ALA A 766 -19.65 -19.19 3.93
C ALA A 766 -19.52 -18.56 2.55
N MET A 767 -20.67 -18.31 1.92
N MET A 767 -20.67 -18.29 1.93
CA MET A 767 -20.69 -17.71 0.58
CA MET A 767 -20.68 -17.73 0.59
C MET A 767 -20.54 -16.19 0.60
C MET A 767 -20.59 -16.19 0.59
N THR A 768 -20.86 -15.59 1.74
CA THR A 768 -20.73 -14.11 1.90
C THR A 768 -20.08 -13.78 3.21
N THR A 769 -19.46 -12.61 3.31
CA THR A 769 -18.83 -12.28 4.57
C THR A 769 -19.86 -12.06 5.67
N GLN A 770 -21.08 -11.59 5.33
CA GLN A 770 -22.11 -11.41 6.33
C GLN A 770 -22.46 -12.75 6.95
N ALA A 771 -22.63 -13.76 6.10
CA ALA A 771 -22.93 -15.10 6.61
C ALA A 771 -21.76 -15.66 7.39
N ALA A 772 -20.54 -15.42 6.92
CA ALA A 772 -19.36 -15.86 7.65
C ALA A 772 -19.32 -15.33 9.11
N ARG A 773 -19.70 -14.08 9.28
CA ARG A 773 -19.65 -13.48 10.63
C ARG A 773 -20.62 -14.11 11.61
N SER A 774 -21.59 -14.90 11.14
CA SER A 774 -22.56 -15.48 12.06
C SER A 774 -22.21 -16.93 12.45
N THR A 775 -21.05 -17.41 12.00
CA THR A 775 -20.62 -18.78 12.30
C THR A 775 -19.83 -18.85 13.61
N PRO A 776 -19.59 -20.07 14.12
CA PRO A 776 -18.80 -20.09 15.36
C PRO A 776 -17.35 -19.80 15.15
N PHE A 777 -16.67 -19.30 16.19
CA PHE A 777 -15.23 -19.12 16.15
C PHE A 777 -14.52 -20.41 16.53
N HIS A 778 -13.42 -20.70 15.85
CA HIS A 778 -12.56 -21.83 16.19
C HIS A 778 -11.20 -21.20 16.46
N LEU A 779 -10.64 -21.44 17.64
CA LEU A 779 -9.36 -20.83 18.00
C LEU A 779 -8.26 -21.83 17.68
N LEU A 780 -7.22 -21.41 16.97
CA LEU A 780 -6.07 -22.28 16.66
C LEU A 780 -4.91 -21.80 17.49
N VAL A 781 -4.40 -22.68 18.36
CA VAL A 781 -3.34 -22.26 19.28
C VAL A 781 -2.12 -23.08 18.89
N VAL A 782 -1.03 -22.41 18.51
CA VAL A 782 0.20 -23.12 18.17
C VAL A 782 1.26 -22.91 19.24
N MET A 783 1.54 -23.96 20.00
CA MET A 783 2.41 -23.85 21.15
C MET A 783 3.86 -23.81 20.74
N SER A 784 4.69 -23.19 21.57
CA SER A 784 6.13 -23.13 21.38
C SER A 784 6.81 -23.58 22.65
N ASP A 785 7.93 -24.29 22.52
CA ASP A 785 8.67 -24.79 23.69
C ASP A 785 9.31 -23.66 24.47
N HIS A 786 9.50 -22.52 23.82
CA HIS A 786 10.44 -21.50 24.30
C HIS A 786 9.78 -20.20 24.74
N VAL A 787 8.56 -19.97 24.27
CA VAL A 787 7.85 -18.71 24.51
C VAL A 787 6.35 -18.99 24.60
N ALA A 788 5.63 -18.18 25.39
CA ALA A 788 4.16 -18.22 25.41
C ALA A 788 3.58 -17.81 24.07
N SER A 789 2.41 -18.35 23.71
CA SER A 789 1.78 -18.02 22.44
C SER A 789 0.78 -16.90 22.67
N THR A 790 0.63 -16.03 21.68
CA THR A 790 -0.32 -14.92 21.83
C THR A 790 -1.03 -14.70 20.53
N GLY A 791 -2.18 -14.05 20.59
CA GLY A 791 -2.84 -13.54 19.39
C GLY A 791 -3.88 -12.50 19.78
N GLU A 792 -4.57 -11.94 18.80
CA GLU A 792 -5.43 -10.78 19.04
C GLU A 792 -6.62 -10.90 18.07
N LEU A 793 -7.78 -10.39 18.46
CA LEU A 793 -8.97 -10.40 17.63
C LEU A 793 -9.69 -9.07 17.87
N PHE A 794 -9.94 -8.32 16.80
CA PHE A 794 -10.66 -7.08 16.91
C PHE A 794 -12.05 -7.31 16.32
N LEU A 795 -13.09 -6.86 17.01
CA LEU A 795 -14.47 -7.06 16.55
C LEU A 795 -15.22 -5.73 16.60
N ASP A 796 -15.99 -5.43 15.55
CA ASP A 796 -16.98 -4.33 15.57
C ASP A 796 -18.10 -4.72 14.58
N ASN A 797 -18.97 -3.80 14.21
CA ASN A 797 -20.03 -4.23 13.28
C ASN A 797 -19.59 -4.35 11.81
N GLY A 798 -18.30 -4.13 11.56
CA GLY A 798 -17.74 -4.33 10.22
C GLY A 798 -17.90 -3.14 9.32
N ILE A 799 -18.64 -2.12 9.78
CA ILE A 799 -18.87 -0.97 8.95
C ILE A 799 -18.89 0.41 9.66
N GLU A 800 -18.53 0.49 10.95
CA GLU A 800 -18.49 1.78 11.70
C GLU A 800 -17.53 2.81 11.08
N MET A 801 -17.98 4.06 10.95
N MET A 801 -17.98 4.06 10.97
CA MET A 801 -17.11 5.14 10.44
CA MET A 801 -17.14 5.14 10.46
C MET A 801 -15.76 5.23 11.15
C MET A 801 -15.78 5.26 11.14
N ASP A 802 -15.79 5.30 12.47
CA ASP A 802 -14.56 5.51 13.24
C ASP A 802 -14.18 4.21 13.95
N ILE A 803 -13.14 3.54 13.46
CA ILE A 803 -12.76 2.23 13.95
C ILE A 803 -12.05 2.29 15.30
N GLY A 804 -12.56 1.51 16.25
CA GLY A 804 -12.03 1.54 17.60
C GLY A 804 -12.13 2.89 18.29
N GLY A 805 -13.14 3.70 17.94
CA GLY A 805 -13.27 5.03 18.50
C GLY A 805 -13.82 5.07 19.91
N PRO A 806 -14.17 6.28 20.41
CA PRO A 806 -14.57 6.46 21.80
C PRO A 806 -15.98 5.95 22.07
N GLY A 807 -16.77 5.81 21.01
CA GLY A 807 -18.14 5.31 21.12
C GLY A 807 -18.19 3.90 21.68
N GLY A 808 -17.12 3.14 21.49
CA GLY A 808 -17.02 1.85 22.12
C GLY A 808 -17.89 0.76 21.53
N LYS A 809 -18.26 0.90 20.25
CA LYS A 809 -18.99 -0.18 19.60
C LYS A 809 -18.00 -1.19 19.01
N TRP A 810 -17.08 -1.64 19.85
CA TRP A 810 -16.06 -2.57 19.41
C TRP A 810 -15.48 -3.28 20.62
N THR A 811 -14.82 -4.41 20.37
CA THR A 811 -14.21 -5.22 21.43
C THR A 811 -12.82 -5.64 20.93
N LEU A 812 -11.85 -5.70 21.81
CA LEU A 812 -10.55 -6.25 21.41
C LEU A 812 -10.28 -7.41 22.35
N VAL A 813 -9.99 -8.59 21.81
CA VAL A 813 -9.68 -9.78 22.62
C VAL A 813 -8.21 -10.14 22.44
N ARG A 814 -7.51 -10.40 23.53
CA ARG A 814 -6.14 -10.92 23.43
C ARG A 814 -6.10 -12.34 23.98
N PHE A 815 -5.40 -13.23 23.26
CA PHE A 815 -5.34 -14.63 23.65
C PHE A 815 -3.95 -14.95 24.11
N PHE A 816 -3.86 -15.86 25.09
CA PHE A 816 -2.57 -16.26 25.67
C PHE A 816 -2.59 -17.76 25.88
N ALA A 817 -1.45 -18.43 25.67
CA ALA A 817 -1.34 -19.84 26.02
C ALA A 817 0.05 -20.15 26.46
N GLU A 818 0.18 -20.88 27.57
CA GLU A 818 1.51 -21.31 27.98
C GLU A 818 1.45 -22.67 28.66
N SER A 819 2.53 -23.44 28.47
CA SER A 819 2.62 -24.81 28.96
C SER A 819 3.36 -24.82 30.26
N GLY A 820 2.90 -25.60 31.23
CA GLY A 820 3.69 -25.83 32.42
C GLY A 820 4.37 -27.18 32.26
N ILE A 821 4.94 -27.71 33.33
CA ILE A 821 5.55 -29.01 33.21
C ILE A 821 4.49 -30.11 33.03
N ASN A 822 3.30 -29.90 33.62
CA ASN A 822 2.21 -30.88 33.62
C ASN A 822 0.84 -30.34 33.26
N ASN A 823 0.78 -29.08 32.85
CA ASN A 823 -0.51 -28.52 32.48
C ASN A 823 -0.34 -27.53 31.36
N LEU A 824 -1.46 -27.00 30.85
CA LEU A 824 -1.45 -26.05 29.78
C LEU A 824 -2.57 -25.05 30.12
N THR A 825 -2.32 -23.75 30.03
CA THR A 825 -3.39 -22.79 30.30
C THR A 825 -3.64 -21.97 29.07
N ILE A 826 -4.91 -21.87 28.67
CA ILE A 826 -5.28 -21.01 27.53
C ILE A 826 -6.23 -19.96 28.09
N SER A 827 -6.02 -18.69 27.75
CA SER A 827 -6.88 -17.66 28.37
C SER A 827 -7.11 -16.52 27.42
N SER A 828 -8.08 -15.66 27.74
CA SER A 828 -8.24 -14.44 26.96
C SER A 828 -8.43 -13.28 27.91
N GLU A 829 -8.17 -12.07 27.41
CA GLU A 829 -8.43 -10.84 28.15
C GLU A 829 -9.24 -9.98 27.18
N VAL A 830 -10.24 -9.28 27.69
CA VAL A 830 -11.18 -8.60 26.79
C VAL A 830 -11.31 -7.16 27.19
N VAL A 831 -11.21 -6.25 26.21
CA VAL A 831 -11.54 -4.83 26.39
C VAL A 831 -12.91 -4.58 25.77
N ASN A 832 -13.81 -3.94 26.53
CA ASN A 832 -15.21 -3.69 26.11
C ASN A 832 -16.02 -4.97 25.82
N ARG A 833 -16.22 -5.81 26.84
CA ARG A 833 -16.93 -7.11 26.68
C ARG A 833 -18.40 -6.99 26.23
N GLY A 834 -19.05 -5.93 26.71
CA GLY A 834 -20.43 -5.63 26.40
C GLY A 834 -20.79 -5.77 24.92
N TYR A 835 -19.93 -5.23 24.02
CA TYR A 835 -20.27 -5.20 22.62
C TYR A 835 -20.22 -6.60 21.97
N ALA A 836 -19.12 -7.32 22.15
CA ALA A 836 -19.05 -8.66 21.57
C ALA A 836 -20.14 -9.54 22.22
N MET A 837 -20.41 -9.34 23.50
CA MET A 837 -21.51 -10.10 24.09
C MET A 837 -22.83 -9.84 23.31
N SER A 838 -23.13 -8.57 23.01
CA SER A 838 -24.42 -8.22 22.38
C SER A 838 -24.52 -8.80 20.94
N GLN A 839 -23.38 -9.18 20.37
CA GLN A 839 -23.33 -9.75 19.00
C GLN A 839 -23.34 -11.27 18.99
N ARG A 840 -23.37 -11.88 20.19
CA ARG A 840 -23.63 -13.33 20.31
C ARG A 840 -22.51 -14.20 19.76
N TRP A 841 -21.30 -13.67 19.60
CA TRP A 841 -20.24 -14.48 19.01
C TRP A 841 -19.82 -15.58 19.96
N VAL A 842 -19.64 -16.80 19.43
CA VAL A 842 -19.41 -18.00 20.24
C VAL A 842 -18.14 -18.64 19.78
N MET A 843 -17.32 -19.10 20.72
N MET A 843 -17.25 -18.95 20.72
CA MET A 843 -16.13 -19.89 20.39
CA MET A 843 -16.06 -19.76 20.42
C MET A 843 -16.49 -21.34 20.75
C MET A 843 -16.40 -21.18 20.82
N ASP A 844 -16.68 -22.22 19.75
N ASP A 844 -16.35 -22.09 19.86
CA ASP A 844 -17.07 -23.60 20.05
CA ASP A 844 -16.93 -23.39 20.10
C ASP A 844 -15.91 -24.61 19.99
C ASP A 844 -15.91 -24.52 20.06
N LYS A 845 -14.71 -24.21 19.57
CA LYS A 845 -13.62 -25.19 19.47
C LYS A 845 -12.28 -24.55 19.68
N ILE A 846 -11.35 -25.29 20.30
CA ILE A 846 -9.95 -24.83 20.31
C ILE A 846 -9.12 -26.00 19.81
N THR A 847 -8.19 -25.73 18.89
CA THR A 847 -7.28 -26.77 18.42
C THR A 847 -5.89 -26.37 18.88
N ILE A 848 -5.13 -27.32 19.42
CA ILE A 848 -3.81 -27.00 19.97
C ILE A 848 -2.75 -27.75 19.18
N LEU A 849 -1.84 -27.03 18.54
CA LEU A 849 -0.76 -27.63 17.77
C LEU A 849 0.53 -27.35 18.46
N GLY A 850 1.59 -28.08 18.07
CA GLY A 850 2.94 -27.77 18.52
C GLY A 850 3.44 -28.56 19.74
N LEU A 851 2.60 -29.42 20.31
CA LEU A 851 3.02 -30.28 21.43
C LEU A 851 3.16 -31.69 20.94
N LYS A 852 3.93 -32.50 21.69
CA LYS A 852 4.11 -33.92 21.35
C LYS A 852 3.33 -34.80 22.33
N ARG A 853 2.53 -34.18 23.19
CA ARG A 853 1.57 -35.01 23.91
C ARG A 853 0.20 -34.40 23.93
N ARG A 854 -0.81 -35.25 24.13
CA ARG A 854 -2.18 -34.80 24.00
C ARG A 854 -2.61 -34.08 25.26
N VAL A 855 -3.48 -33.09 25.13
CA VAL A 855 -4.09 -32.46 26.29
C VAL A 855 -5.60 -32.63 26.27
N ARG A 856 -6.20 -32.63 27.44
CA ARG A 856 -7.65 -32.64 27.56
C ARG A 856 -8.08 -31.70 28.71
N ILE A 857 -9.35 -31.33 28.74
CA ILE A 857 -9.88 -30.57 29.88
C ILE A 857 -9.82 -31.47 31.10
N LYS A 858 -9.62 -30.87 32.27
CA LYS A 858 -9.62 -31.60 33.54
C LYS A 858 -10.76 -32.62 33.74
N GLY A 885 6.80 -37.45 17.32
CA GLY A 885 5.99 -36.63 16.42
C GLY A 885 5.00 -35.72 17.12
N PHE A 886 4.59 -34.64 16.44
CA PHE A 886 3.60 -33.71 16.97
C PHE A 886 2.26 -34.40 16.96
N VAL A 887 1.41 -34.00 17.89
CA VAL A 887 0.03 -34.44 17.93
C VAL A 887 -0.90 -33.23 17.87
N VAL A 888 -2.16 -33.46 17.55
CA VAL A 888 -3.17 -32.41 17.44
C VAL A 888 -4.24 -32.70 18.50
N SER A 889 -4.50 -31.75 19.40
CA SER A 889 -5.50 -31.93 20.43
C SER A 889 -6.62 -30.95 20.08
N VAL A 890 -7.86 -31.43 20.17
CA VAL A 890 -9.02 -30.59 19.87
C VAL A 890 -9.97 -30.61 21.07
N ILE A 891 -10.34 -29.43 21.55
CA ILE A 891 -11.29 -29.27 22.65
C ILE A 891 -12.57 -28.79 21.97
N SER A 892 -13.60 -29.63 21.96
CA SER A 892 -14.82 -29.32 21.20
C SER A 892 -15.99 -29.02 22.11
N ASP A 893 -17.08 -28.56 21.50
CA ASP A 893 -18.35 -28.29 22.19
C ASP A 893 -18.29 -27.23 23.31
N LEU A 894 -17.53 -26.17 23.13
CA LEU A 894 -17.33 -25.20 24.22
C LEU A 894 -18.49 -24.19 24.47
N ARG A 895 -19.12 -23.77 23.40
CA ARG A 895 -20.28 -22.85 23.56
C ARG A 895 -19.99 -21.53 24.33
N GLN A 896 -18.71 -21.15 24.40
N GLN A 896 -18.73 -21.11 24.39
CA GLN A 896 -18.17 -19.95 25.10
CA GLN A 896 -18.36 -19.93 25.13
C GLN A 896 -18.44 -18.63 24.35
C GLN A 896 -18.53 -18.64 24.34
N LEU A 897 -18.90 -17.58 25.03
CA LEU A 897 -19.04 -16.27 24.36
C LEU A 897 -17.67 -15.63 24.22
N VAL A 898 -17.33 -15.22 22.99
CA VAL A 898 -16.03 -14.59 22.71
C VAL A 898 -15.85 -13.32 23.59
N GLY A 899 -16.95 -12.66 23.90
CA GLY A 899 -16.92 -11.47 24.75
C GLY A 899 -16.60 -11.70 26.22
N GLN A 900 -16.63 -12.95 26.66
CA GLN A 900 -16.43 -13.24 28.07
C GLN A 900 -15.01 -13.79 28.21
N ALA A 901 -14.15 -13.06 28.93
CA ALA A 901 -12.77 -13.51 29.11
C ALA A 901 -12.83 -14.88 29.75
N PHE A 902 -11.94 -15.78 29.34
CA PHE A 902 -11.95 -17.13 29.93
C PHE A 902 -10.54 -17.51 30.35
N LYS A 903 -10.45 -18.53 31.20
CA LYS A 903 -9.18 -19.17 31.47
C LYS A 903 -9.47 -20.66 31.52
N LEU A 904 -8.86 -21.41 30.61
CA LEU A 904 -9.11 -22.85 30.54
C LEU A 904 -7.84 -23.58 30.92
N GLU A 905 -7.95 -24.50 31.88
CA GLU A 905 -6.81 -25.32 32.30
C GLU A 905 -6.89 -26.71 31.68
N LEU A 906 -5.80 -27.14 31.03
CA LEU A 906 -5.81 -28.46 30.41
C LEU A 906 -4.72 -29.30 31.03
N GLU A 907 -4.90 -30.61 31.02
CA GLU A 907 -3.89 -31.53 31.56
C GLU A 907 -3.37 -32.43 30.43
N PHE A 908 -2.17 -32.97 30.61
CA PHE A 908 -1.64 -33.90 29.63
C PHE A 908 -2.19 -35.31 29.85
N GLU A 909 -2.18 -36.09 28.77
CA GLU A 909 -2.52 -37.50 28.88
C GLU A 909 -1.26 -38.32 29.10
#